data_6V6N
#
_entry.id   6V6N
#
_cell.length_a   58.119
_cell.length_b   101.655
_cell.length_c   108.142
_cell.angle_alpha   90.000
_cell.angle_beta   97.841
_cell.angle_gamma   90.000
#
_symmetry.space_group_name_H-M   'P 1 21 1'
#
loop_
_entity.id
_entity.type
_entity.pdbx_description
1 polymer Beta-lactamase
2 non-polymer GLYCEROL
3 non-polymer 'FORMIC ACID'
4 non-polymer 'SULFATE ION'
5 water water
#
_entity_poly.entity_id   1
_entity_poly.type   'polypeptide(L)'
_entity_poly.pdbx_seq_one_letter_code
;SNAQQSQAFECTLVTSIETGAVINQQGACDQRVAPASTF(KCX)VPLALIGYDAGILLDDKTPAWDWKPGTEARAQDRKT
VDPTIWEQDSVLWYSRELTRRLGPEKFAAYVKRLGYGNADVSGEPGKNNGLTHSWLGASLTVSPVEQVGFIRRLLAGNLP
VSRDAQAKTRAIVPVFYAPESWSVHGKTGTGF(MSE)RDEKGNPDRSRPFGWFVGWAEREGQHIVFARLRVADKPSSEPL
GPAVRDAFLRDIARLAVHR
;
_entity_poly.pdbx_strand_id   A,B,C,D
#
# COMPACT_ATOMS: atom_id res chain seq x y z
N SER A 1 -32.83 10.63 10.97
CA SER A 1 -31.83 9.76 10.37
C SER A 1 -30.44 10.38 10.47
N ASN A 2 -29.60 9.81 11.34
CA ASN A 2 -28.26 10.36 11.56
C ASN A 2 -27.39 10.32 10.32
N ALA A 3 -27.78 9.55 9.30
CA ALA A 3 -26.99 9.44 8.08
C ALA A 3 -27.18 10.69 7.21
N GLN A 4 -26.30 10.82 6.21
CA GLN A 4 -26.40 11.91 5.27
C GLN A 4 -27.59 11.69 4.33
N GLN A 5 -27.94 12.74 3.59
CA GLN A 5 -29.06 12.67 2.67
C GLN A 5 -28.74 11.71 1.52
N SER A 6 -29.77 11.03 1.04
CA SER A 6 -29.60 10.04 -0.01
C SER A 6 -29.19 10.71 -1.32
N GLN A 7 -28.12 10.21 -1.92
CA GLN A 7 -27.66 10.66 -3.23
C GLN A 7 -27.89 9.59 -4.31
N ALA A 8 -28.86 8.72 -4.09
CA ALA A 8 -29.19 7.69 -5.07
C ALA A 8 -29.91 8.30 -6.27
N PHE A 9 -29.66 7.73 -7.45
CA PHE A 9 -30.39 8.15 -8.63
C PHE A 9 -30.23 7.11 -9.73
N GLU A 10 -31.10 7.21 -10.72
CA GLU A 10 -31.12 6.32 -11.87
C GLU A 10 -31.23 7.16 -13.13
N CYS A 11 -30.56 6.71 -14.18
N CYS A 11 -30.47 6.79 -14.15
CA CYS A 11 -30.59 7.39 -15.46
CA CYS A 11 -30.66 7.37 -15.47
C CYS A 11 -30.64 6.36 -16.58
C CYS A 11 -30.76 6.27 -16.50
N THR A 12 -31.60 6.51 -17.50
CA THR A 12 -31.74 5.64 -18.66
C THR A 12 -31.91 6.56 -19.85
N LEU A 13 -30.94 6.57 -20.77
CA LEU A 13 -30.96 7.45 -21.93
C LEU A 13 -30.83 6.62 -23.18
N VAL A 14 -31.80 6.73 -24.08
CA VAL A 14 -31.79 6.04 -25.38
C VAL A 14 -32.02 7.10 -26.46
N THR A 15 -31.15 7.11 -27.45
CA THR A 15 -31.24 8.08 -28.54
C THR A 15 -31.18 7.36 -29.88
N SER A 16 -31.87 7.93 -30.86
CA SER A 16 -31.94 7.36 -32.20
C SER A 16 -30.77 7.86 -33.03
N ILE A 17 -30.09 6.94 -33.71
CA ILE A 17 -28.98 7.34 -34.57
C ILE A 17 -29.50 7.98 -35.85
N GLU A 18 -30.61 7.47 -36.39
CA GLU A 18 -31.08 7.93 -37.69
C GLU A 18 -31.79 9.29 -37.61
N THR A 19 -32.48 9.58 -36.51
CA THR A 19 -33.15 10.87 -36.35
C THR A 19 -32.40 11.82 -35.43
N GLY A 20 -31.40 11.33 -34.69
CA GLY A 20 -30.67 12.13 -33.73
C GLY A 20 -31.44 12.49 -32.47
N ALA A 21 -32.71 12.13 -32.38
CA ALA A 21 -33.55 12.59 -31.27
C ALA A 21 -33.52 11.60 -30.11
N VAL A 22 -33.77 12.14 -28.90
CA VAL A 22 -33.99 11.30 -27.74
C VAL A 22 -35.20 10.41 -27.99
N ILE A 23 -35.07 9.13 -27.68
CA ILE A 23 -36.21 8.21 -27.74
C ILE A 23 -36.85 8.05 -26.36
N ASN A 24 -36.02 7.84 -25.35
CA ASN A 24 -36.49 7.58 -23.99
C ASN A 24 -35.43 8.10 -23.04
N GLN A 25 -35.83 8.98 -22.13
CA GLN A 25 -34.93 9.50 -21.10
C GLN A 25 -35.67 9.44 -19.77
N GLN A 26 -35.11 8.68 -18.82
CA GLN A 26 -35.63 8.64 -17.46
C GLN A 26 -34.52 9.10 -16.53
N GLY A 27 -34.72 10.23 -15.86
CA GLY A 27 -33.70 10.86 -15.05
C GLY A 27 -32.97 11.94 -15.81
N ALA A 28 -32.23 12.77 -15.06
CA ALA A 28 -31.58 13.94 -15.65
C ALA A 28 -30.40 13.55 -16.53
N CYS A 29 -29.77 12.40 -16.25
CA CYS A 29 -28.70 11.81 -17.06
C CYS A 29 -27.50 12.73 -17.23
N ASP A 30 -27.35 13.74 -16.37
CA ASP A 30 -26.23 14.67 -16.47
C ASP A 30 -25.21 14.53 -15.34
N GLN A 31 -25.45 13.65 -14.37
CA GLN A 31 -24.53 13.49 -13.24
C GLN A 31 -23.29 12.71 -13.67
N ARG A 32 -22.12 13.15 -13.21
CA ARG A 32 -20.87 12.49 -13.58
C ARG A 32 -20.46 11.50 -12.50
N VAL A 33 -20.03 10.31 -12.94
CA VAL A 33 -19.65 9.20 -12.07
C VAL A 33 -18.47 8.49 -12.73
N ALA A 34 -17.62 7.86 -11.93
CA ALA A 34 -16.51 7.10 -12.48
C ALA A 34 -17.02 6.09 -13.51
N PRO A 35 -16.39 6.00 -14.68
CA PRO A 35 -16.89 5.07 -15.71
C PRO A 35 -16.66 3.60 -15.37
N ALA A 36 -15.81 3.28 -14.40
CA ALA A 36 -15.46 1.90 -14.07
C ALA A 36 -15.10 1.12 -15.34
N SER A 37 -15.59 -0.12 -15.45
CA SER A 37 -15.24 -0.96 -16.60
C SER A 37 -15.79 -0.45 -17.93
N THR A 38 -16.68 0.55 -17.94
CA THR A 38 -17.07 1.12 -19.25
C THR A 38 -15.91 1.83 -19.91
N PHE A 39 -14.88 2.17 -19.14
CA PHE A 39 -13.73 2.87 -19.68
C PHE A 39 -12.93 1.96 -20.62
N VAL A 41 -13.92 0.67 -23.16
CA VAL A 41 -14.27 1.00 -24.55
C VAL A 41 -13.32 2.07 -25.10
N PRO A 42 -13.24 3.27 -24.48
CA PRO A 42 -12.22 4.23 -24.94
C PRO A 42 -10.80 3.74 -24.71
N LEU A 43 -10.57 2.82 -23.77
CA LEU A 43 -9.21 2.34 -23.58
C LEU A 43 -8.80 1.37 -24.68
N ALA A 44 -9.73 0.52 -25.13
CA ALA A 44 -9.49 -0.28 -26.32
C ALA A 44 -9.17 0.61 -27.51
N LEU A 45 -9.95 1.68 -27.68
CA LEU A 45 -9.73 2.64 -28.75
C LEU A 45 -8.33 3.24 -28.68
N ILE A 46 -7.91 3.65 -27.48
CA ILE A 46 -6.57 4.22 -27.31
C ILE A 46 -5.51 3.17 -27.61
N GLY A 47 -5.75 1.92 -27.19
CA GLY A 47 -4.77 0.87 -27.41
C GLY A 47 -4.64 0.47 -28.87
N TYR A 48 -5.76 0.36 -29.57
CA TYR A 48 -5.71 0.00 -30.99
C TYR A 48 -5.07 1.09 -31.82
N ASP A 49 -5.32 2.36 -31.48
CA ASP A 49 -4.70 3.44 -32.24
C ASP A 49 -3.20 3.50 -31.96
N ALA A 50 -2.79 3.34 -30.70
CA ALA A 50 -1.38 3.42 -30.35
C ALA A 50 -0.58 2.25 -30.90
N GLY A 51 -1.22 1.12 -31.18
CA GLY A 51 -0.54 -0.04 -31.72
C GLY A 51 -0.11 -1.07 -30.69
N ILE A 52 -0.53 -0.93 -29.44
CA ILE A 52 -0.26 -1.98 -28.45
C ILE A 52 -1.24 -3.13 -28.64
N LEU A 53 -2.50 -2.81 -28.93
CA LEU A 53 -3.49 -3.80 -29.32
C LEU A 53 -3.49 -3.91 -30.83
N LEU A 54 -3.51 -5.15 -31.33
CA LEU A 54 -3.43 -5.40 -32.77
C LEU A 54 -4.78 -5.79 -33.36
N ASP A 55 -5.38 -6.89 -32.89
CA ASP A 55 -6.70 -7.29 -33.36
C ASP A 55 -7.54 -7.86 -32.22
N ASP A 56 -8.49 -8.73 -32.54
CA ASP A 56 -9.44 -9.25 -31.55
C ASP A 56 -8.82 -10.31 -30.62
N LYS A 57 -7.73 -10.95 -31.03
CA LYS A 57 -7.11 -12.01 -30.25
C LYS A 57 -5.68 -11.72 -29.80
N THR A 58 -5.06 -10.65 -30.30
CA THR A 58 -3.69 -10.33 -29.93
C THR A 58 -3.61 -8.87 -29.53
N PRO A 59 -2.74 -8.53 -28.55
CA PRO A 59 -1.83 -9.43 -27.85
C PRO A 59 -2.51 -10.23 -26.73
N ALA A 60 -2.13 -11.49 -26.60
CA ALA A 60 -2.60 -12.37 -25.53
C ALA A 60 -1.56 -12.37 -24.42
N TRP A 61 -1.94 -11.87 -23.25
CA TRP A 61 -1.07 -11.81 -22.09
C TRP A 61 -1.54 -12.79 -21.04
N ASP A 62 -0.60 -13.29 -20.24
CA ASP A 62 -0.87 -14.23 -19.17
C ASP A 62 -0.78 -13.51 -17.83
N TRP A 63 -1.76 -13.73 -16.96
CA TRP A 63 -1.64 -13.27 -15.58
C TRP A 63 -0.43 -13.93 -14.94
N LYS A 64 0.31 -13.16 -14.14
CA LYS A 64 1.52 -13.63 -13.50
C LYS A 64 1.49 -13.30 -12.01
N PRO A 65 2.19 -14.09 -11.19
CA PRO A 65 2.15 -13.86 -9.74
C PRO A 65 2.60 -12.46 -9.38
N GLY A 66 1.95 -11.89 -8.37
CA GLY A 66 2.23 -10.55 -7.90
C GLY A 66 1.27 -9.49 -8.40
N THR A 67 0.48 -9.78 -9.44
CA THR A 67 -0.43 -8.81 -10.01
C THR A 67 -1.80 -8.90 -9.34
N GLU A 68 -2.34 -7.73 -8.97
CA GLU A 68 -3.65 -7.67 -8.33
C GLU A 68 -4.73 -8.09 -9.32
N ALA A 69 -5.46 -9.15 -8.99
CA ALA A 69 -6.48 -9.67 -9.88
C ALA A 69 -7.39 -10.63 -9.14
N ARG A 70 -8.67 -10.61 -9.50
CA ARG A 70 -9.63 -11.57 -8.94
C ARG A 70 -9.27 -12.99 -9.37
N ALA A 71 -9.82 -13.95 -8.64
CA ALA A 71 -9.53 -15.35 -8.92
C ALA A 71 -9.97 -15.75 -10.32
N GLN A 72 -11.05 -15.16 -10.83
CA GLN A 72 -11.50 -15.45 -12.19
C GLN A 72 -10.61 -14.81 -13.25
N ASP A 73 -9.86 -13.76 -12.90
CA ASP A 73 -9.02 -13.06 -13.86
C ASP A 73 -7.65 -13.69 -14.04
N ARG A 74 -7.29 -14.68 -13.23
CA ARG A 74 -5.94 -15.26 -13.27
C ARG A 74 -5.88 -16.33 -14.35
N LYS A 75 -5.75 -15.86 -15.59
CA LYS A 75 -5.74 -16.71 -16.77
C LYS A 75 -5.03 -15.95 -17.89
N THR A 76 -5.04 -16.53 -19.09
CA THR A 76 -4.56 -15.83 -20.28
C THR A 76 -5.67 -14.95 -20.83
N VAL A 77 -5.36 -13.70 -21.11
CA VAL A 77 -6.34 -12.69 -21.52
C VAL A 77 -5.90 -12.09 -22.84
N ASP A 78 -6.85 -11.88 -23.74
CA ASP A 78 -6.62 -11.17 -25.00
C ASP A 78 -7.69 -10.08 -25.10
N PRO A 79 -7.73 -9.25 -26.14
CA PRO A 79 -8.70 -8.13 -26.12
C PRO A 79 -10.16 -8.56 -26.03
N THR A 80 -10.52 -9.70 -26.62
CA THR A 80 -11.91 -10.14 -26.56
C THR A 80 -12.30 -10.52 -25.12
N ILE A 81 -11.44 -11.28 -24.44
CA ILE A 81 -11.73 -11.71 -23.08
C ILE A 81 -11.71 -10.52 -22.14
N TRP A 82 -10.69 -9.68 -22.27
CA TRP A 82 -10.59 -8.40 -21.55
C TRP A 82 -11.94 -7.68 -21.47
N GLU A 83 -12.59 -7.51 -22.62
CA GLU A 83 -13.86 -6.80 -22.65
C GLU A 83 -15.00 -7.66 -22.10
N GLN A 84 -15.05 -8.94 -22.49
CA GLN A 84 -16.17 -9.77 -22.08
C GLN A 84 -16.17 -10.01 -20.58
N ASP A 85 -14.97 -10.14 -19.98
CA ASP A 85 -14.85 -10.50 -18.58
C ASP A 85 -14.42 -9.34 -17.68
N SER A 86 -14.20 -8.14 -18.24
CA SER A 86 -13.82 -6.95 -17.48
C SER A 86 -12.54 -7.21 -16.67
N VAL A 87 -11.45 -7.47 -17.38
CA VAL A 87 -10.20 -7.88 -16.75
C VAL A 87 -9.40 -6.63 -16.41
N LEU A 88 -9.38 -6.28 -15.13
CA LEU A 88 -8.79 -5.00 -14.71
C LEU A 88 -7.29 -4.96 -14.94
N TRP A 89 -6.57 -6.05 -14.64
CA TRP A 89 -5.10 -5.98 -14.75
C TRP A 89 -4.65 -5.80 -16.19
N TYR A 90 -5.41 -6.31 -17.15
CA TYR A 90 -5.09 -6.10 -18.56
C TYR A 90 -5.20 -4.63 -18.92
N SER A 91 -6.20 -3.93 -18.36
CA SER A 91 -6.29 -2.49 -18.55
C SER A 91 -5.07 -1.79 -18.00
N ARG A 92 -4.60 -2.19 -16.83
CA ARG A 92 -3.46 -1.52 -16.22
C ARG A 92 -2.16 -1.88 -16.92
N GLU A 93 -2.07 -3.09 -17.49
CA GLU A 93 -0.91 -3.40 -18.31
C GLU A 93 -0.91 -2.59 -19.60
N LEU A 94 -2.10 -2.24 -20.10
CA LEU A 94 -2.17 -1.42 -21.31
C LEU A 94 -1.76 0.02 -21.02
N THR A 95 -2.24 0.60 -19.92
CA THR A 95 -1.84 1.97 -19.58
C THR A 95 -0.38 2.05 -19.18
N ARG A 96 0.16 0.98 -18.60
CA ARG A 96 1.58 0.99 -18.22
C ARG A 96 2.48 1.04 -19.45
N ARG A 97 2.06 0.41 -20.55
CA ARG A 97 2.82 0.52 -21.79
C ARG A 97 2.57 1.85 -22.50
N LEU A 98 1.41 2.46 -22.28
CA LEU A 98 1.13 3.75 -22.89
C LEU A 98 1.97 4.86 -22.27
N GLY A 99 2.05 4.89 -20.95
CA GLY A 99 2.73 5.97 -20.26
C GLY A 99 1.77 7.07 -19.89
N PRO A 100 2.15 7.89 -18.90
CA PRO A 100 1.22 8.94 -18.42
C PRO A 100 0.93 10.02 -19.44
N GLU A 101 1.90 10.41 -20.27
CA GLU A 101 1.66 11.51 -21.21
C GLU A 101 0.80 11.05 -22.38
N LYS A 102 1.13 9.91 -22.98
CA LYS A 102 0.32 9.37 -24.08
C LYS A 102 -1.11 9.09 -23.63
N PHE A 103 -1.26 8.66 -22.37
CA PHE A 103 -2.59 8.33 -21.84
C PHE A 103 -3.45 9.57 -21.69
N ALA A 104 -2.91 10.62 -21.07
CA ALA A 104 -3.67 11.85 -20.89
C ALA A 104 -3.85 12.61 -22.20
N ALA A 105 -2.95 12.41 -23.16
CA ALA A 105 -3.10 13.04 -24.46
C ALA A 105 -4.31 12.49 -25.21
N TYR A 106 -4.46 11.15 -25.21
CA TYR A 106 -5.56 10.51 -25.91
C TYR A 106 -6.89 10.79 -25.23
N VAL A 107 -6.94 10.75 -23.90
CA VAL A 107 -8.18 11.00 -23.19
C VAL A 107 -8.66 12.42 -23.42
N LYS A 108 -7.75 13.40 -23.37
CA LYS A 108 -8.12 14.78 -23.66
C LYS A 108 -8.62 14.91 -25.10
N ARG A 109 -7.85 14.38 -26.06
CA ARG A 109 -8.21 14.50 -27.48
C ARG A 109 -9.55 13.82 -27.77
N LEU A 110 -9.88 12.74 -27.05
CA LEU A 110 -11.19 12.13 -27.23
C LEU A 110 -12.31 12.95 -26.58
N GLY A 111 -11.98 13.88 -25.70
CA GLY A 111 -13.00 14.65 -25.00
C GLY A 111 -13.91 13.81 -24.13
N TYR A 112 -13.35 12.80 -23.47
CA TYR A 112 -14.14 11.79 -22.76
C TYR A 112 -14.41 12.25 -21.32
N GLY A 113 -15.63 12.71 -21.07
CA GLY A 113 -15.99 13.14 -19.72
C GLY A 113 -15.15 14.32 -19.31
N ASN A 114 -14.69 14.33 -18.05
CA ASN A 114 -13.86 15.42 -17.57
C ASN A 114 -12.40 15.28 -18.01
N ALA A 115 -12.06 14.18 -18.68
CA ALA A 115 -10.74 13.98 -19.28
C ALA A 115 -9.63 14.17 -18.25
N ASP A 116 -9.84 13.66 -17.05
CA ASP A 116 -8.91 13.81 -15.93
C ASP A 116 -8.43 12.42 -15.53
N VAL A 117 -7.21 12.05 -15.94
CA VAL A 117 -6.68 10.75 -15.60
C VAL A 117 -5.42 10.90 -14.76
N SER A 118 -5.32 12.01 -14.03
CA SER A 118 -4.17 12.23 -13.17
C SER A 118 -4.24 11.43 -11.88
N GLY A 119 -5.43 10.97 -11.49
CA GLY A 119 -5.59 10.25 -10.24
C GLY A 119 -5.72 11.19 -9.05
N GLU A 120 -5.60 10.60 -7.87
CA GLU A 120 -5.73 11.35 -6.64
C GLU A 120 -4.43 12.09 -6.34
N PRO A 121 -4.49 13.41 -6.12
CA PRO A 121 -3.24 14.19 -6.00
C PRO A 121 -2.42 13.81 -4.78
N GLY A 122 -1.40 12.99 -4.98
CA GLY A 122 -0.53 12.57 -3.91
C GLY A 122 -0.25 11.08 -3.89
N LYS A 123 -1.07 10.31 -4.63
CA LYS A 123 -0.94 8.87 -4.66
C LYS A 123 -0.41 8.33 -5.97
N ASN A 124 -0.25 9.18 -6.99
CA ASN A 124 0.34 8.80 -8.28
C ASN A 124 -0.33 7.53 -8.83
N ASN A 125 -1.66 7.51 -8.78
CA ASN A 125 -2.44 6.36 -9.25
C ASN A 125 -3.26 6.71 -10.48
N GLY A 126 -2.80 7.69 -11.26
CA GLY A 126 -3.52 8.05 -12.47
C GLY A 126 -3.63 6.91 -13.47
N LEU A 127 -2.56 6.13 -13.60
CA LEU A 127 -2.52 5.06 -14.60
C LEU A 127 -3.24 3.80 -14.14
N THR A 128 -3.57 3.69 -12.85
CA THR A 128 -4.14 2.46 -12.30
C THR A 128 -5.55 2.60 -11.76
N HIS A 129 -5.93 3.78 -11.26
CA HIS A 129 -7.20 3.93 -10.58
C HIS A 129 -8.08 5.09 -11.07
N SER A 130 -7.64 5.87 -12.07
CA SER A 130 -8.38 7.08 -12.42
C SER A 130 -9.79 6.76 -12.91
N TRP A 131 -9.95 5.67 -13.67
CA TRP A 131 -11.27 5.34 -14.16
C TRP A 131 -12.12 4.59 -13.15
N LEU A 132 -11.60 4.34 -11.94
CA LEU A 132 -12.33 3.63 -10.91
C LEU A 132 -12.89 4.55 -9.82
N GLY A 133 -12.41 5.79 -9.74
CA GLY A 133 -12.88 6.72 -8.72
C GLY A 133 -11.87 7.78 -8.37
N ALA A 134 -10.64 7.65 -8.87
CA ALA A 134 -9.57 8.52 -8.44
C ALA A 134 -9.60 9.89 -9.11
N SER A 135 -10.15 9.99 -10.33
CA SER A 135 -10.18 11.30 -10.97
C SER A 135 -11.17 11.40 -12.14
N LEU A 136 -11.23 10.37 -12.98
CA LEU A 136 -12.00 10.47 -14.22
C LEU A 136 -13.48 10.20 -13.98
N THR A 137 -14.34 11.09 -14.50
CA THR A 137 -15.79 10.93 -14.40
C THR A 137 -16.44 11.25 -15.75
N VAL A 138 -17.65 10.72 -15.92
CA VAL A 138 -18.37 10.86 -17.19
C VAL A 138 -19.85 10.66 -16.90
N SER A 139 -20.70 11.41 -17.61
CA SER A 139 -22.14 11.33 -17.42
C SER A 139 -22.77 10.39 -18.45
N PRO A 140 -24.00 9.96 -18.22
CA PRO A 140 -24.70 9.20 -19.27
C PRO A 140 -24.77 9.93 -20.61
N VAL A 141 -25.11 11.22 -20.60
CA VAL A 141 -25.19 11.95 -21.87
C VAL A 141 -23.84 11.93 -22.58
N GLU A 142 -22.74 12.02 -21.82
CA GLU A 142 -21.41 11.99 -22.45
C GLU A 142 -21.05 10.58 -22.88
N GLN A 143 -21.56 9.55 -22.20
CA GLN A 143 -21.37 8.19 -22.70
C GLN A 143 -22.06 8.02 -24.05
N VAL A 144 -23.28 8.53 -24.19
CA VAL A 144 -24.03 8.41 -25.44
C VAL A 144 -23.35 9.18 -26.56
N GLY A 145 -22.88 10.39 -26.26
CA GLY A 145 -22.20 11.19 -27.29
C GLY A 145 -20.95 10.50 -27.80
N PHE A 146 -20.12 9.99 -26.89
CA PHE A 146 -18.92 9.27 -27.30
C PHE A 146 -19.26 8.04 -28.12
N ILE A 147 -20.26 7.24 -27.68
CA ILE A 147 -20.61 6.03 -28.43
C ILE A 147 -21.20 6.39 -29.79
N ARG A 148 -21.97 7.47 -29.85
CA ARG A 148 -22.49 7.90 -31.15
C ARG A 148 -21.33 8.19 -32.11
N ARG A 149 -20.31 8.90 -31.62
CA ARG A 149 -19.18 9.23 -32.47
C ARG A 149 -18.39 7.99 -32.86
N LEU A 150 -18.16 7.08 -31.90
CA LEU A 150 -17.52 5.82 -32.20
C LEU A 150 -18.27 5.04 -33.27
N LEU A 151 -19.61 5.02 -33.17
CA LEU A 151 -20.41 4.23 -34.09
C LEU A 151 -20.31 4.75 -35.52
N ALA A 152 -20.17 6.07 -35.69
CA ALA A 152 -20.05 6.68 -37.00
C ALA A 152 -18.60 6.81 -37.46
N GLY A 153 -17.63 6.57 -36.59
CA GLY A 153 -16.24 6.72 -36.96
C GLY A 153 -15.71 8.14 -36.93
N ASN A 154 -16.37 9.05 -36.21
CA ASN A 154 -16.01 10.47 -36.21
C ASN A 154 -15.11 10.87 -35.06
N LEU A 155 -14.69 9.92 -34.22
CA LEU A 155 -13.75 10.23 -33.17
C LEU A 155 -12.39 10.61 -33.77
N PRO A 156 -11.60 11.44 -33.08
CA PRO A 156 -10.31 11.91 -33.61
C PRO A 156 -9.17 10.92 -33.40
N VAL A 157 -9.40 9.67 -33.80
CA VAL A 157 -8.35 8.66 -33.92
C VAL A 157 -8.52 7.98 -35.27
N SER A 158 -7.68 6.99 -35.55
CA SER A 158 -7.76 6.31 -36.83
C SER A 158 -9.07 5.54 -36.92
N ARG A 159 -9.66 5.49 -38.12
CA ARG A 159 -10.93 4.79 -38.28
C ARG A 159 -10.78 3.27 -38.14
N ASP A 160 -9.58 2.75 -38.39
CA ASP A 160 -9.36 1.31 -38.16
C ASP A 160 -9.37 1.00 -36.67
N ALA A 161 -8.83 1.88 -35.84
CA ALA A 161 -8.91 1.67 -34.40
C ALA A 161 -10.35 1.68 -33.92
N GLN A 162 -11.20 2.52 -34.51
CA GLN A 162 -12.61 2.55 -34.12
C GLN A 162 -13.31 1.27 -34.56
N ALA A 163 -13.01 0.79 -35.77
CA ALA A 163 -13.58 -0.47 -36.24
C ALA A 163 -13.16 -1.63 -35.35
N LYS A 164 -11.88 -1.68 -34.96
CA LYS A 164 -11.42 -2.75 -34.09
C LYS A 164 -12.00 -2.62 -32.69
N THR A 165 -12.29 -1.40 -32.24
CA THR A 165 -12.91 -1.25 -30.92
C THR A 165 -14.35 -1.78 -30.93
N ARG A 166 -15.11 -1.44 -31.97
CA ARG A 166 -16.48 -1.95 -32.09
C ARG A 166 -16.51 -3.47 -32.13
N ALA A 167 -15.45 -4.10 -32.66
CA ALA A 167 -15.47 -5.54 -32.90
C ALA A 167 -15.39 -6.35 -31.61
N ILE A 168 -14.73 -5.81 -30.58
CA ILE A 168 -14.61 -6.52 -29.31
C ILE A 168 -15.57 -6.00 -28.26
N VAL A 169 -16.42 -5.03 -28.60
CA VAL A 169 -17.49 -4.71 -27.65
C VAL A 169 -18.40 -5.92 -27.52
N PRO A 170 -18.66 -6.42 -26.32
CA PRO A 170 -19.45 -7.66 -26.19
C PRO A 170 -20.84 -7.51 -26.79
N VAL A 171 -21.37 -8.62 -27.30
CA VAL A 171 -22.64 -8.64 -28.02
C VAL A 171 -23.67 -9.43 -27.23
N PHE A 172 -24.89 -8.92 -27.20
CA PHE A 172 -26.01 -9.51 -26.50
C PHE A 172 -27.22 -9.45 -27.42
N TYR A 173 -28.13 -10.39 -27.25
CA TYR A 173 -29.32 -10.49 -28.10
C TYR A 173 -30.55 -10.31 -27.24
N ALA A 174 -31.34 -9.29 -27.54
CA ALA A 174 -32.52 -8.94 -26.77
C ALA A 174 -33.78 -9.20 -27.58
N PRO A 175 -34.95 -9.30 -26.94
CA PRO A 175 -36.19 -9.61 -27.66
C PRO A 175 -36.41 -8.73 -28.89
N GLU A 176 -37.16 -9.28 -29.85
CA GLU A 176 -37.54 -8.60 -31.10
C GLU A 176 -36.34 -8.32 -31.99
N SER A 177 -35.33 -9.21 -31.94
CA SER A 177 -34.18 -9.24 -32.83
C SER A 177 -33.21 -8.09 -32.61
N TRP A 178 -33.30 -7.42 -31.46
CA TRP A 178 -32.30 -6.40 -31.11
C TRP A 178 -30.95 -7.06 -30.88
N SER A 179 -29.98 -6.70 -31.71
CA SER A 179 -28.59 -7.04 -31.45
C SER A 179 -27.98 -5.88 -30.68
N VAL A 180 -27.48 -6.16 -29.48
CA VAL A 180 -27.03 -5.13 -28.55
C VAL A 180 -25.53 -5.29 -28.35
N HIS A 181 -24.81 -4.18 -28.45
CA HIS A 181 -23.37 -4.15 -28.21
C HIS A 181 -23.15 -3.26 -27.00
N GLY A 182 -22.79 -3.87 -25.86
CA GLY A 182 -22.75 -3.13 -24.62
C GLY A 182 -21.62 -3.56 -23.70
N LYS A 183 -21.28 -2.67 -22.78
CA LYS A 183 -20.20 -2.88 -21.81
C LYS A 183 -20.72 -2.46 -20.45
N THR A 184 -20.50 -3.30 -19.45
CA THR A 184 -20.93 -3.04 -18.09
C THR A 184 -19.81 -2.36 -17.30
N GLY A 185 -20.20 -1.78 -16.16
CA GLY A 185 -19.25 -1.24 -15.21
C GLY A 185 -19.83 -1.31 -13.81
N THR A 186 -19.02 -1.66 -12.82
CA THR A 186 -19.49 -1.76 -11.45
C THR A 186 -18.47 -1.08 -10.54
N GLY A 187 -18.95 -0.40 -9.51
CA GLY A 187 -18.03 0.26 -8.61
C GLY A 187 -18.72 0.82 -7.39
N PHE A 188 -17.99 1.63 -6.64
CA PHE A 188 -18.50 2.28 -5.45
C PHE A 188 -18.21 3.78 -5.54
N ARG A 190 -17.33 7.40 -3.81
CA ARG A 190 -16.37 7.73 -2.77
C ARG A 190 -17.07 8.47 -1.63
N ASP A 191 -16.59 8.25 -0.42
CA ASP A 191 -17.11 8.95 0.74
C ASP A 191 -16.41 10.30 0.86
N GLU A 192 -16.68 11.03 1.95
CA GLU A 192 -16.11 12.37 2.09
C GLU A 192 -14.59 12.34 2.18
N LYS A 193 -14.02 11.29 2.78
CA LYS A 193 -12.58 11.18 2.95
C LYS A 193 -11.87 10.61 1.72
N GLY A 194 -12.60 10.30 0.66
CA GLY A 194 -12.00 9.76 -0.55
C GLY A 194 -11.89 8.25 -0.60
N ASN A 195 -12.50 7.53 0.35
CA ASN A 195 -12.46 6.09 0.37
C ASN A 195 -13.72 5.50 -0.24
N PRO A 196 -13.64 4.30 -0.83
CA PRO A 196 -14.83 3.68 -1.40
C PRO A 196 -15.89 3.42 -0.33
N ASP A 197 -17.11 3.89 -0.60
CA ASP A 197 -18.26 3.69 0.28
C ASP A 197 -19.04 2.50 -0.27
N ARG A 198 -18.98 1.37 0.45
CA ARG A 198 -19.61 0.14 -0.01
C ARG A 198 -21.12 0.17 0.08
N SER A 199 -21.70 1.16 0.77
CA SER A 199 -23.14 1.37 0.77
C SER A 199 -23.62 2.17 -0.43
N ARG A 200 -22.72 2.59 -1.31
CA ARG A 200 -23.08 3.37 -2.50
C ARG A 200 -22.51 2.72 -3.75
N PRO A 201 -22.93 1.48 -4.04
CA PRO A 201 -22.50 0.84 -5.29
C PRO A 201 -23.20 1.45 -6.49
N PHE A 202 -22.54 1.37 -7.64
CA PHE A 202 -23.17 1.83 -8.86
C PHE A 202 -22.88 0.84 -9.98
N GLY A 203 -23.74 0.88 -11.00
CA GLY A 203 -23.63 0.02 -12.16
C GLY A 203 -23.95 0.75 -13.44
N TRP A 204 -23.21 0.41 -14.50
CA TRP A 204 -23.36 0.99 -15.82
C TRP A 204 -23.72 -0.09 -16.81
N PHE A 205 -24.46 0.29 -17.84
CA PHE A 205 -24.47 -0.46 -19.10
C PHE A 205 -24.63 0.55 -20.23
N VAL A 206 -23.65 0.57 -21.14
CA VAL A 206 -23.61 1.56 -22.21
C VAL A 206 -23.26 0.88 -23.51
N GLY A 207 -23.85 1.36 -24.62
CA GLY A 207 -23.48 0.81 -25.92
C GLY A 207 -24.48 1.20 -26.99
N TRP A 208 -24.56 0.38 -28.01
CA TRP A 208 -25.51 0.63 -29.09
C TRP A 208 -26.24 -0.66 -29.45
N ALA A 209 -27.31 -0.50 -30.21
CA ALA A 209 -28.16 -1.64 -30.56
C ALA A 209 -28.70 -1.44 -31.97
N GLU A 210 -29.00 -2.56 -32.64
CA GLU A 210 -29.49 -2.53 -34.00
C GLU A 210 -30.67 -3.47 -34.16
N ARG A 211 -31.69 -3.02 -34.89
CA ARG A 211 -32.82 -3.87 -35.26
C ARG A 211 -33.33 -3.45 -36.63
N GLU A 212 -33.28 -4.38 -37.59
CA GLU A 212 -33.77 -4.16 -38.95
C GLU A 212 -33.17 -2.88 -39.56
N GLY A 213 -31.88 -2.68 -39.33
CA GLY A 213 -31.18 -1.54 -39.89
C GLY A 213 -31.22 -0.28 -39.04
N GLN A 214 -32.16 -0.16 -38.12
CA GLN A 214 -32.23 1.01 -37.24
C GLN A 214 -31.27 0.84 -36.09
N HIS A 215 -30.61 1.94 -35.71
CA HIS A 215 -29.63 1.93 -34.64
C HIS A 215 -30.02 2.91 -33.55
N ILE A 216 -29.81 2.49 -32.30
CA ILE A 216 -29.98 3.33 -31.13
C ILE A 216 -28.66 3.31 -30.36
N VAL A 217 -28.42 4.37 -29.57
CA VAL A 217 -27.28 4.41 -28.66
C VAL A 217 -27.82 4.74 -27.29
N PHE A 218 -27.27 4.08 -26.25
CA PHE A 218 -27.90 4.15 -24.94
C PHE A 218 -26.87 4.22 -23.83
N ALA A 219 -27.32 4.67 -22.66
CA ALA A 219 -26.51 4.57 -21.46
C ALA A 219 -27.45 4.41 -20.28
N ARG A 220 -27.18 3.42 -19.44
N ARG A 220 -27.18 3.43 -19.43
CA ARG A 220 -27.94 3.21 -18.22
CA ARG A 220 -27.98 3.25 -18.22
C ARG A 220 -26.97 3.27 -17.04
C ARG A 220 -27.04 3.20 -17.02
N LEU A 221 -27.38 3.96 -15.98
CA LEU A 221 -26.55 4.10 -14.80
C LEU A 221 -27.43 4.09 -13.57
N ARG A 222 -27.11 3.21 -12.62
N ARG A 222 -27.12 3.20 -12.64
CA ARG A 222 -27.83 3.12 -11.35
CA ARG A 222 -27.82 3.13 -11.36
C ARG A 222 -26.83 3.37 -10.23
C ARG A 222 -26.81 3.41 -10.25
N VAL A 223 -27.12 4.37 -9.40
CA VAL A 223 -26.31 4.67 -8.23
C VAL A 223 -27.21 4.45 -7.02
N ALA A 224 -26.87 3.47 -6.19
CA ALA A 224 -27.68 3.12 -5.02
C ALA A 224 -27.15 3.80 -3.78
N ASP A 225 -28.02 3.90 -2.76
CA ASP A 225 -27.64 4.39 -1.45
C ASP A 225 -27.65 3.28 -0.39
N LYS A 226 -27.70 2.02 -0.82
CA LYS A 226 -27.67 0.88 0.09
C LYS A 226 -26.87 -0.24 -0.55
N PRO A 227 -26.21 -1.07 0.27
CA PRO A 227 -25.42 -2.18 -0.29
C PRO A 227 -26.25 -3.13 -1.13
N SER A 228 -25.58 -3.74 -2.11
CA SER A 228 -26.20 -4.74 -2.98
C SER A 228 -25.43 -6.05 -2.89
N SER A 229 -26.16 -7.16 -3.01
CA SER A 229 -25.52 -8.46 -2.95
C SER A 229 -24.79 -8.79 -4.24
N GLU A 230 -25.37 -8.42 -5.40
CA GLU A 230 -24.81 -8.78 -6.69
C GLU A 230 -24.25 -7.53 -7.39
N PRO A 231 -23.29 -7.70 -8.30
CA PRO A 231 -22.70 -6.53 -8.97
C PRO A 231 -23.74 -5.81 -9.83
N LEU A 232 -23.84 -4.50 -9.64
CA LEU A 232 -24.93 -3.75 -10.26
C LEU A 232 -24.79 -3.66 -11.77
N GLY A 233 -23.56 -3.62 -12.29
CA GLY A 233 -23.34 -3.55 -13.72
C GLY A 233 -24.10 -4.62 -14.48
N PRO A 234 -23.79 -5.89 -14.21
CA PRO A 234 -24.55 -6.98 -14.84
C PRO A 234 -26.04 -6.94 -14.55
N ALA A 235 -26.44 -6.50 -13.35
CA ALA A 235 -27.87 -6.43 -13.04
C ALA A 235 -28.55 -5.35 -13.89
N VAL A 236 -27.91 -4.19 -14.02
CA VAL A 236 -28.46 -3.13 -14.87
C VAL A 236 -28.56 -3.61 -16.32
N ARG A 237 -27.55 -4.37 -16.77
CA ARG A 237 -27.56 -4.93 -18.12
C ARG A 237 -28.76 -5.85 -18.34
N ASP A 238 -28.90 -6.87 -17.50
CA ASP A 238 -30.01 -7.82 -17.66
C ASP A 238 -31.36 -7.11 -17.67
N ALA A 239 -31.51 -6.07 -16.82
CA ALA A 239 -32.76 -5.31 -16.80
C ALA A 239 -32.93 -4.51 -18.09
N PHE A 240 -31.83 -3.98 -18.62
CA PHE A 240 -31.94 -3.20 -19.84
C PHE A 240 -32.30 -4.08 -21.03
N LEU A 241 -31.70 -5.28 -21.13
CA LEU A 241 -32.02 -6.16 -22.25
C LEU A 241 -33.49 -6.56 -22.22
N ARG A 242 -34.03 -6.81 -21.02
CA ARG A 242 -35.44 -7.18 -20.90
C ARG A 242 -36.36 -6.04 -21.32
N ASP A 243 -35.90 -4.79 -21.21
CA ASP A 243 -36.76 -3.63 -21.39
C ASP A 243 -36.56 -2.91 -22.71
N ILE A 244 -35.50 -3.23 -23.47
CA ILE A 244 -35.07 -2.34 -24.55
C ILE A 244 -36.12 -2.24 -25.64
N ALA A 245 -36.93 -3.29 -25.85
CA ALA A 245 -37.95 -3.24 -26.90
C ALA A 245 -39.03 -2.20 -26.58
N ARG A 246 -39.52 -2.19 -25.34
CA ARG A 246 -40.47 -1.16 -24.95
C ARG A 246 -39.81 0.20 -24.82
N LEU A 247 -38.52 0.23 -24.49
CA LEU A 247 -37.81 1.49 -24.35
C LEU A 247 -37.60 2.18 -25.68
N ALA A 248 -37.36 1.40 -26.74
CA ALA A 248 -37.00 1.94 -28.05
C ALA A 248 -38.20 2.12 -28.97
N VAL A 249 -39.42 1.92 -28.48
CA VAL A 249 -40.58 1.98 -29.35
C VAL A 249 -40.87 3.42 -29.77
N HIS A 250 -40.46 4.41 -28.97
CA HIS A 250 -40.77 5.81 -29.24
C HIS A 250 -39.77 6.42 -30.21
N SER B 6 0.71 45.73 -8.75
CA SER B 6 1.65 45.33 -9.80
C SER B 6 2.20 43.93 -9.54
N GLN B 7 2.78 43.33 -10.58
CA GLN B 7 3.39 42.03 -10.49
C GLN B 7 4.88 42.08 -10.17
N ALA B 8 5.39 43.24 -9.75
CA ALA B 8 6.80 43.41 -9.43
C ALA B 8 7.02 43.33 -7.93
N PHE B 9 8.09 42.65 -7.53
CA PHE B 9 8.43 42.55 -6.12
C PHE B 9 9.88 42.07 -6.01
N GLU B 10 10.42 42.21 -4.80
CA GLU B 10 11.74 41.71 -4.49
C GLU B 10 11.69 41.05 -3.12
N CYS B 11 12.55 40.05 -2.94
N CYS B 11 12.46 39.98 -2.98
CA CYS B 11 12.61 39.31 -1.69
CA CYS B 11 12.64 39.33 -1.68
C CYS B 11 14.06 38.97 -1.40
C CYS B 11 14.12 39.09 -1.43
N THR B 12 14.52 39.24 -0.18
CA THR B 12 15.86 38.90 0.27
C THR B 12 15.71 38.17 1.60
N LEU B 13 16.18 36.92 1.67
CA LEU B 13 16.05 36.14 2.89
C LEU B 13 17.40 35.57 3.26
N VAL B 14 17.86 35.87 4.48
CA VAL B 14 19.14 35.37 4.99
C VAL B 14 18.88 34.74 6.35
N THR B 15 19.35 33.51 6.52
CA THR B 15 19.15 32.78 7.76
C THR B 15 20.51 32.31 8.28
N SER B 16 20.62 32.23 9.61
CA SER B 16 21.84 31.78 10.26
C SER B 16 21.79 30.26 10.44
N ILE B 17 22.87 29.58 10.07
CA ILE B 17 22.94 28.15 10.33
C ILE B 17 23.08 27.89 11.82
N GLU B 18 23.97 28.63 12.48
CA GLU B 18 24.29 28.34 13.87
C GLU B 18 23.10 28.57 14.79
N THR B 19 22.29 29.60 14.51
CA THR B 19 21.14 29.90 15.35
C THR B 19 19.82 29.42 14.77
N GLY B 20 19.74 29.19 13.46
CA GLY B 20 18.50 28.82 12.81
C GLY B 20 17.54 29.96 12.58
N ALA B 21 17.85 31.16 13.07
CA ALA B 21 16.92 32.27 13.03
C ALA B 21 17.11 33.11 11.77
N VAL B 22 16.03 33.80 11.39
CA VAL B 22 16.12 34.81 10.34
C VAL B 22 17.12 35.88 10.75
N ILE B 23 18.09 36.15 9.89
CA ILE B 23 19.03 37.25 10.08
C ILE B 23 18.50 38.52 9.44
N ASN B 24 17.90 38.38 8.27
CA ASN B 24 17.52 39.53 7.45
C ASN B 24 16.46 39.07 6.49
N GLN B 25 15.31 39.75 6.49
CA GLN B 25 14.27 39.43 5.53
C GLN B 25 13.69 40.72 5.00
N GLN B 26 13.64 40.83 3.68
CA GLN B 26 12.95 41.94 3.02
C GLN B 26 11.98 41.34 2.03
N GLY B 27 10.70 41.66 2.17
CA GLY B 27 9.67 41.04 1.37
C GLY B 27 9.05 39.85 2.06
N ALA B 28 7.92 39.41 1.50
CA ALA B 28 7.19 38.31 2.11
C ALA B 28 7.88 36.97 1.85
N CYS B 29 8.58 36.84 0.73
CA CYS B 29 9.48 35.73 0.43
C CYS B 29 8.75 34.38 0.33
N ASP B 30 7.42 34.38 0.20
CA ASP B 30 6.66 33.15 0.05
C ASP B 30 6.00 33.02 -1.32
N GLN B 31 6.27 33.94 -2.25
CA GLN B 31 5.74 33.83 -3.60
C GLN B 31 6.53 32.81 -4.40
N ARG B 32 5.83 31.90 -5.07
CA ARG B 32 6.47 30.85 -5.86
C ARG B 32 6.66 31.30 -7.30
N VAL B 33 7.87 31.12 -7.82
CA VAL B 33 8.14 31.32 -9.24
C VAL B 33 9.03 30.18 -9.73
N ALA B 34 9.08 30.01 -11.04
CA ALA B 34 9.95 29.00 -11.62
C ALA B 34 11.39 29.21 -11.15
N PRO B 35 12.10 28.14 -10.77
CA PRO B 35 13.47 28.30 -10.28
C PRO B 35 14.48 28.62 -11.37
N ALA B 36 14.22 28.25 -12.61
CA ALA B 36 15.14 28.46 -13.73
C ALA B 36 16.46 27.76 -13.36
N SER B 37 17.61 28.37 -13.63
CA SER B 37 18.89 27.66 -13.50
C SER B 37 19.27 27.33 -12.07
N THR B 38 18.66 27.96 -11.04
CA THR B 38 18.88 27.47 -9.68
C THR B 38 18.39 26.04 -9.49
N PHE B 39 17.61 25.52 -10.43
CA PHE B 39 17.20 24.12 -10.37
C PHE B 39 18.39 23.20 -10.61
N VAL B 41 20.82 22.95 -8.93
CA VAL B 41 21.30 22.42 -7.65
C VAL B 41 20.55 21.12 -7.27
N PRO B 42 19.22 21.15 -7.12
CA PRO B 42 18.52 19.88 -6.87
C PRO B 42 18.63 18.90 -8.02
N LEU B 43 18.80 19.36 -9.26
CA LEU B 43 18.94 18.40 -10.34
C LEU B 43 20.29 17.70 -10.26
N ALA B 44 21.33 18.42 -9.83
CA ALA B 44 22.62 17.77 -9.57
C ALA B 44 22.50 16.74 -8.47
N LEU B 45 21.72 17.07 -7.43
CA LEU B 45 21.48 16.12 -6.34
C LEU B 45 20.86 14.82 -6.86
N ILE B 46 19.79 14.94 -7.65
CA ILE B 46 19.16 13.79 -8.29
C ILE B 46 20.16 13.06 -9.18
N GLY B 47 20.91 13.81 -9.97
CA GLY B 47 21.84 13.19 -10.91
C GLY B 47 22.92 12.38 -10.23
N TYR B 48 23.48 12.91 -9.14
CA TYR B 48 24.49 12.18 -8.39
C TYR B 48 23.88 10.99 -7.66
N ASP B 49 22.74 11.21 -7.00
CA ASP B 49 22.12 10.11 -6.26
C ASP B 49 21.73 8.97 -7.20
N ALA B 50 21.19 9.29 -8.37
CA ALA B 50 20.78 8.28 -9.34
C ALA B 50 21.95 7.57 -10.00
N GLY B 51 23.17 8.07 -9.84
CA GLY B 51 24.33 7.41 -10.42
C GLY B 51 24.68 7.83 -11.83
N ILE B 52 23.99 8.85 -12.37
CA ILE B 52 24.32 9.33 -13.70
C ILE B 52 25.48 10.31 -13.66
N LEU B 53 25.52 11.20 -12.66
CA LEU B 53 26.70 12.03 -12.44
C LEU B 53 27.62 11.31 -11.46
N LEU B 54 28.93 11.37 -11.72
CA LEU B 54 29.90 10.58 -10.98
C LEU B 54 30.78 11.42 -10.06
N ASP B 55 31.46 12.44 -10.57
CA ASP B 55 32.23 13.33 -9.69
C ASP B 55 32.13 14.74 -10.26
N ASP B 56 33.07 15.62 -9.86
CA ASP B 56 33.05 17.00 -10.36
C ASP B 56 33.41 17.08 -11.84
N LYS B 57 34.16 16.11 -12.36
CA LYS B 57 34.65 16.16 -13.73
C LYS B 57 33.98 15.17 -14.67
N THR B 58 33.13 14.27 -14.16
CA THR B 58 32.61 13.15 -14.95
C THR B 58 31.13 12.95 -14.64
N PRO B 59 30.26 12.79 -15.66
CA PRO B 59 30.59 12.70 -17.08
C PRO B 59 30.78 14.03 -17.80
N ALA B 60 31.65 14.01 -18.79
CA ALA B 60 31.81 15.12 -19.72
C ALA B 60 31.09 14.75 -21.02
N TRP B 61 30.14 15.59 -21.42
CA TRP B 61 29.34 15.38 -22.61
C TRP B 61 29.67 16.44 -23.64
N ASP B 62 29.76 16.05 -24.91
CA ASP B 62 30.05 16.99 -25.98
C ASP B 62 28.74 17.47 -26.61
N TRP B 63 28.62 18.78 -26.78
CA TRP B 63 27.52 19.32 -27.56
C TRP B 63 27.63 18.85 -29.00
N LYS B 64 26.51 18.40 -29.56
CA LYS B 64 26.47 17.92 -30.93
C LYS B 64 25.36 18.60 -31.71
N PRO B 65 25.50 18.73 -33.03
CA PRO B 65 24.48 19.44 -33.81
C PRO B 65 23.11 18.80 -33.66
N GLY B 66 22.07 19.64 -33.69
CA GLY B 66 20.72 19.21 -33.42
C GLY B 66 20.26 19.44 -32.00
N THR B 67 21.18 19.73 -31.08
CA THR B 67 20.84 19.99 -29.70
C THR B 67 20.69 21.50 -29.48
N GLU B 68 19.55 21.91 -28.94
CA GLU B 68 19.31 23.33 -28.69
C GLU B 68 20.32 23.85 -27.67
N ALA B 69 21.05 24.90 -28.04
CA ALA B 69 22.04 25.49 -27.16
C ALA B 69 22.47 26.86 -27.65
N ARG B 70 22.52 27.84 -26.76
CA ARG B 70 23.08 29.12 -27.10
C ARG B 70 24.55 28.96 -27.49
N ALA B 71 25.08 29.99 -28.16
CA ALA B 71 26.41 29.88 -28.75
C ALA B 71 27.48 29.56 -27.72
N GLN B 72 27.43 30.23 -26.56
CA GLN B 72 28.46 30.05 -25.55
C GLN B 72 28.47 28.65 -24.95
N ASP B 73 27.39 27.87 -25.12
CA ASP B 73 27.24 26.57 -24.50
C ASP B 73 27.64 25.41 -25.41
N ARG B 74 27.93 25.68 -26.68
CA ARG B 74 28.24 24.62 -27.64
C ARG B 74 29.70 24.22 -27.48
N LYS B 75 29.94 23.45 -26.42
CA LYS B 75 31.28 22.96 -26.09
C LYS B 75 31.13 21.66 -25.30
N THR B 76 32.26 21.13 -24.84
CA THR B 76 32.25 19.99 -23.93
C THR B 76 31.95 20.48 -22.52
N VAL B 77 30.98 19.85 -21.87
CA VAL B 77 30.52 20.27 -20.55
C VAL B 77 30.59 19.09 -19.59
N ASP B 78 31.00 19.35 -18.36
CA ASP B 78 31.01 18.41 -17.26
C ASP B 78 30.28 19.04 -16.09
N PRO B 79 30.01 18.28 -15.01
CA PRO B 79 29.19 18.85 -13.92
C PRO B 79 29.70 20.18 -13.39
N THR B 80 31.01 20.38 -13.32
CA THR B 80 31.54 21.65 -12.84
C THR B 80 31.17 22.80 -13.79
N ILE B 81 31.53 22.67 -15.06
CA ILE B 81 31.21 23.69 -16.06
C ILE B 81 29.70 23.89 -16.16
N TRP B 82 28.95 22.79 -16.04
CA TRP B 82 27.49 22.84 -16.05
C TRP B 82 26.97 23.87 -15.05
N GLU B 83 27.39 23.76 -13.80
CA GLU B 83 26.89 24.67 -12.76
C GLU B 83 27.40 26.08 -12.99
N GLN B 84 28.70 26.23 -13.29
CA GLN B 84 29.29 27.56 -13.41
C GLN B 84 28.71 28.34 -14.58
N ASP B 85 28.48 27.66 -15.71
CA ASP B 85 28.06 28.31 -16.95
C ASP B 85 26.57 28.17 -17.24
N SER B 86 25.80 27.59 -16.32
CA SER B 86 24.36 27.36 -16.48
C SER B 86 24.03 26.82 -17.86
N VAL B 87 24.60 25.65 -18.15
CA VAL B 87 24.47 25.01 -19.46
C VAL B 87 23.15 24.22 -19.47
N LEU B 88 22.14 24.75 -20.15
CA LEU B 88 20.79 24.18 -20.09
C LEU B 88 20.70 22.83 -20.79
N TRP B 89 21.39 22.64 -21.92
CA TRP B 89 21.29 21.36 -22.61
C TRP B 89 21.90 20.23 -21.79
N TYR B 90 22.87 20.53 -20.93
CA TYR B 90 23.42 19.49 -20.06
C TYR B 90 22.38 19.01 -19.06
N SER B 91 21.58 19.94 -18.52
CA SER B 91 20.46 19.55 -17.67
C SER B 91 19.48 18.64 -18.42
N ARG B 92 19.19 18.98 -19.68
CA ARG B 92 18.18 18.25 -20.43
C ARG B 92 18.66 16.86 -20.83
N GLU B 93 19.96 16.70 -21.08
CA GLU B 93 20.49 15.37 -21.30
C GLU B 93 20.42 14.54 -20.03
N LEU B 94 20.58 15.18 -18.86
CA LEU B 94 20.46 14.46 -17.60
C LEU B 94 19.03 14.01 -17.33
N THR B 95 18.04 14.87 -17.61
CA THR B 95 16.66 14.45 -17.36
C THR B 95 16.19 13.42 -18.38
N ARG B 96 16.74 13.44 -19.60
CA ARG B 96 16.42 12.40 -20.55
C ARG B 96 16.90 11.04 -20.06
N ARG B 97 18.06 11.02 -19.39
CA ARG B 97 18.58 9.75 -18.88
C ARG B 97 17.82 9.29 -17.64
N LEU B 98 17.30 10.23 -16.84
CA LEU B 98 16.48 9.84 -15.69
C LEU B 98 15.13 9.29 -16.14
N GLY B 99 14.57 9.85 -17.20
CA GLY B 99 13.25 9.45 -17.63
C GLY B 99 12.19 10.11 -16.77
N PRO B 100 10.94 10.08 -17.23
CA PRO B 100 9.90 10.85 -16.51
C PRO B 100 9.61 10.31 -15.12
N GLU B 101 9.55 8.99 -14.95
CA GLU B 101 9.12 8.46 -13.66
C GLU B 101 10.14 8.74 -12.56
N LYS B 102 11.42 8.43 -12.81
CA LYS B 102 12.44 8.68 -11.80
C LYS B 102 12.57 10.17 -11.48
N PHE B 103 12.54 11.02 -12.52
CA PHE B 103 12.64 12.47 -12.31
C PHE B 103 11.50 12.97 -11.44
N ALA B 104 10.29 12.43 -11.65
CA ALA B 104 9.14 12.87 -10.86
C ALA B 104 9.22 12.35 -9.43
N ALA B 105 9.56 11.08 -9.27
CA ALA B 105 9.67 10.49 -7.93
C ALA B 105 10.72 11.22 -7.09
N TYR B 106 11.83 11.60 -7.70
CA TYR B 106 12.88 12.28 -6.95
C TYR B 106 12.42 13.65 -6.48
N VAL B 107 11.84 14.45 -7.38
CA VAL B 107 11.39 15.79 -6.99
C VAL B 107 10.33 15.69 -5.90
N LYS B 108 9.46 14.69 -5.97
CA LYS B 108 8.44 14.54 -4.96
C LYS B 108 9.05 14.17 -3.60
N ARG B 109 9.99 13.23 -3.58
CA ARG B 109 10.61 12.86 -2.31
C ARG B 109 11.40 14.03 -1.72
N LEU B 110 12.03 14.84 -2.56
CA LEU B 110 12.69 16.06 -2.07
C LEU B 110 11.69 17.09 -1.55
N GLY B 111 10.44 17.05 -2.01
CA GLY B 111 9.50 18.10 -1.63
C GLY B 111 9.95 19.48 -2.05
N TYR B 112 10.50 19.60 -3.26
CA TYR B 112 11.06 20.86 -3.74
C TYR B 112 9.95 21.71 -4.36
N GLY B 113 9.53 22.75 -3.66
CA GLY B 113 8.54 23.66 -4.20
C GLY B 113 7.17 23.01 -4.36
N ASN B 114 6.49 23.35 -5.47
CA ASN B 114 5.23 22.66 -5.76
C ASN B 114 5.44 21.25 -6.29
N ALA B 115 6.69 20.85 -6.57
CA ALA B 115 7.07 19.47 -6.91
C ALA B 115 6.40 18.96 -8.19
N ASP B 116 6.02 19.86 -9.10
CA ASP B 116 5.35 19.47 -10.33
C ASP B 116 6.32 19.64 -11.49
N VAL B 117 6.82 18.52 -12.02
CA VAL B 117 7.70 18.53 -13.18
C VAL B 117 7.02 17.89 -14.39
N SER B 118 5.69 17.88 -14.44
CA SER B 118 5.00 17.25 -15.54
C SER B 118 4.87 18.16 -16.76
N GLY B 119 5.16 19.45 -16.61
CA GLY B 119 5.13 20.36 -17.73
C GLY B 119 3.76 20.95 -17.99
N GLU B 120 3.64 21.63 -19.13
CA GLU B 120 2.35 22.15 -19.55
C GLU B 120 1.54 21.05 -20.21
N PRO B 121 0.31 20.78 -19.75
CA PRO B 121 -0.45 19.63 -20.27
C PRO B 121 -0.68 19.75 -21.77
N GLY B 122 -0.24 18.72 -22.50
CA GLY B 122 -0.37 18.66 -23.94
C GLY B 122 0.90 18.92 -24.70
N LYS B 123 1.87 19.60 -24.10
CA LYS B 123 3.11 19.95 -24.77
C LYS B 123 4.24 18.97 -24.53
N ASN B 124 4.09 18.07 -23.56
CA ASN B 124 5.08 17.03 -23.27
C ASN B 124 6.48 17.64 -23.13
N ASN B 125 6.59 18.61 -22.22
CA ASN B 125 7.85 19.31 -21.99
C ASN B 125 8.25 19.27 -20.53
N GLY B 126 7.84 18.21 -19.81
CA GLY B 126 8.24 18.10 -18.42
C GLY B 126 9.73 17.93 -18.25
N LEU B 127 10.34 17.11 -19.10
CA LEU B 127 11.77 16.83 -19.03
C LEU B 127 12.61 18.01 -19.51
N THR B 128 12.02 18.95 -20.24
CA THR B 128 12.79 19.99 -20.91
C THR B 128 12.52 21.40 -20.42
N HIS B 129 11.30 21.71 -19.94
CA HIS B 129 10.96 23.08 -19.62
C HIS B 129 10.27 23.29 -18.27
N SER B 130 10.07 22.22 -17.48
CA SER B 130 9.31 22.37 -16.23
C SER B 130 9.94 23.40 -15.30
N TRP B 131 11.27 23.38 -15.15
CA TRP B 131 11.92 24.30 -14.25
C TRP B 131 12.12 25.69 -14.84
N LEU B 132 11.76 25.88 -16.11
CA LEU B 132 11.88 27.16 -16.78
C LEU B 132 10.57 27.95 -16.80
N GLY B 133 9.47 27.36 -16.36
CA GLY B 133 8.19 28.05 -16.37
C GLY B 133 7.01 27.16 -16.73
N ALA B 134 7.27 25.90 -17.10
CA ALA B 134 6.19 25.06 -17.60
C ALA B 134 5.37 24.39 -16.50
N SER B 135 5.90 24.28 -15.27
CA SER B 135 5.10 23.75 -14.18
C SER B 135 5.75 23.92 -12.81
N LEU B 136 7.07 23.74 -12.71
CA LEU B 136 7.74 23.72 -11.42
C LEU B 136 8.00 25.13 -10.91
N THR B 137 7.63 25.37 -9.65
CA THR B 137 7.81 26.66 -9.00
C THR B 137 8.27 26.46 -7.56
N VAL B 138 8.91 27.49 -7.01
CA VAL B 138 9.50 27.43 -5.67
C VAL B 138 9.66 28.85 -5.15
N SER B 139 9.55 29.02 -3.83
CA SER B 139 9.64 30.33 -3.21
C SER B 139 10.99 30.54 -2.55
N PRO B 140 11.38 31.80 -2.30
CA PRO B 140 12.64 32.05 -1.57
C PRO B 140 12.74 31.28 -0.25
N VAL B 141 11.65 31.21 0.53
CA VAL B 141 11.72 30.49 1.79
CA VAL B 141 11.68 30.48 1.79
C VAL B 141 11.98 29.01 1.54
N GLU B 142 11.36 28.43 0.51
CA GLU B 142 11.57 27.02 0.21
C GLU B 142 12.99 26.76 -0.29
N GLN B 143 13.55 27.68 -1.08
CA GLN B 143 14.95 27.57 -1.47
C GLN B 143 15.86 27.53 -0.24
N VAL B 144 15.67 28.47 0.69
CA VAL B 144 16.48 28.48 1.91
C VAL B 144 16.32 27.18 2.68
N GLY B 145 15.08 26.70 2.84
CA GLY B 145 14.87 25.47 3.57
C GLY B 145 15.50 24.27 2.89
N PHE B 146 15.46 24.23 1.56
CA PHE B 146 16.10 23.15 0.82
C PHE B 146 17.62 23.22 0.97
N ILE B 147 18.17 24.43 0.85
CA ILE B 147 19.63 24.61 0.92
C ILE B 147 20.13 24.33 2.34
N ARG B 148 19.35 24.71 3.34
CA ARG B 148 19.72 24.41 4.72
C ARG B 148 19.84 22.91 4.95
N ARG B 149 18.89 22.14 4.39
CA ARG B 149 18.96 20.69 4.50
C ARG B 149 20.15 20.12 3.71
N LEU B 150 20.46 20.71 2.56
CA LEU B 150 21.61 20.27 1.77
C LEU B 150 22.92 20.49 2.52
N LEU B 151 23.06 21.65 3.18
CA LEU B 151 24.28 21.92 3.94
C LEU B 151 24.45 20.97 5.11
N ALA B 152 23.34 20.59 5.74
CA ALA B 152 23.41 19.66 6.86
C ALA B 152 23.47 18.21 6.43
N GLY B 153 23.20 17.91 5.17
CA GLY B 153 23.16 16.54 4.71
C GLY B 153 21.92 15.78 5.12
N ASN B 154 20.81 16.48 5.36
CA ASN B 154 19.58 15.85 5.84
C ASN B 154 18.49 15.72 4.78
N LEU B 155 18.80 15.96 3.51
CA LEU B 155 17.83 15.69 2.48
C LEU B 155 17.67 14.17 2.29
N PRO B 156 16.47 13.70 1.84
CA PRO B 156 16.22 12.26 1.71
C PRO B 156 16.81 11.61 0.44
N VAL B 157 18.11 11.82 0.24
CA VAL B 157 18.92 11.11 -0.74
C VAL B 157 20.24 10.79 -0.07
N SER B 158 21.14 10.15 -0.81
CA SER B 158 22.36 9.66 -0.20
C SER B 158 23.21 10.84 0.31
N ARG B 159 23.99 10.57 1.36
CA ARG B 159 24.86 11.62 1.90
C ARG B 159 25.94 12.00 0.91
N ASP B 160 26.45 11.03 0.13
CA ASP B 160 27.49 11.32 -0.83
C ASP B 160 26.97 12.21 -1.96
N ALA B 161 25.73 12.01 -2.38
CA ALA B 161 25.16 12.87 -3.41
C ALA B 161 25.03 14.31 -2.93
N GLN B 162 24.77 14.51 -1.64
CA GLN B 162 24.70 15.86 -1.10
C GLN B 162 26.09 16.50 -1.03
N ALA B 163 27.12 15.72 -0.69
CA ALA B 163 28.47 16.26 -0.67
C ALA B 163 28.98 16.54 -2.09
N LYS B 164 28.69 15.65 -3.04
CA LYS B 164 29.10 15.89 -4.41
C LYS B 164 28.40 17.12 -4.98
N THR B 165 27.14 17.33 -4.61
CA THR B 165 26.41 18.52 -5.07
C THR B 165 26.99 19.80 -4.50
N ARG B 166 27.27 19.83 -3.19
CA ARG B 166 27.89 21.01 -2.60
C ARG B 166 29.23 21.35 -3.27
N ALA B 167 29.94 20.34 -3.78
CA ALA B 167 31.29 20.56 -4.31
C ALA B 167 31.29 21.30 -5.64
N ILE B 168 30.19 21.28 -6.40
CA ILE B 168 30.17 21.94 -7.71
C ILE B 168 29.32 23.20 -7.71
N VAL B 169 28.79 23.62 -6.57
CA VAL B 169 28.10 24.92 -6.56
C VAL B 169 29.14 26.03 -6.73
N PRO B 170 28.93 26.96 -7.67
CA PRO B 170 29.99 27.96 -7.96
C PRO B 170 30.35 28.82 -6.76
N VAL B 171 31.58 29.33 -6.75
CA VAL B 171 32.11 30.06 -5.61
C VAL B 171 32.42 31.49 -6.01
N PHE B 172 32.06 32.43 -5.13
CA PHE B 172 32.29 33.84 -5.33
C PHE B 172 32.86 34.43 -4.05
N TYR B 173 33.57 35.55 -4.19
CA TYR B 173 34.18 36.23 -3.06
C TYR B 173 33.59 37.63 -2.96
N ALA B 174 33.03 37.93 -1.79
CA ALA B 174 32.36 39.16 -1.47
C ALA B 174 33.17 39.94 -0.44
N PRO B 175 32.89 41.25 -0.26
CA PRO B 175 33.69 42.04 0.69
C PRO B 175 33.77 41.43 2.08
N GLU B 176 34.81 41.83 2.82
CA GLU B 176 35.00 41.39 4.21
C GLU B 176 35.14 39.88 4.33
N SER B 177 35.75 39.25 3.34
CA SER B 177 36.21 37.86 3.39
C SER B 177 35.07 36.84 3.33
N TRP B 178 33.89 37.25 2.86
CA TRP B 178 32.81 36.28 2.69
C TRP B 178 33.08 35.38 1.49
N SER B 179 33.05 34.06 1.73
CA SER B 179 33.09 33.08 0.66
C SER B 179 31.67 32.62 0.38
N VAL B 180 31.18 32.84 -0.84
CA VAL B 180 29.78 32.69 -1.17
C VAL B 180 29.64 31.61 -2.23
N HIS B 181 28.83 30.60 -1.93
CA HIS B 181 28.57 29.48 -2.83
C HIS B 181 27.11 29.61 -3.28
N GLY B 182 26.90 29.94 -4.56
CA GLY B 182 25.56 30.24 -5.01
C GLY B 182 25.35 29.98 -6.48
N LYS B 183 24.07 29.83 -6.83
CA LYS B 183 23.63 29.49 -8.18
C LYS B 183 22.62 30.55 -8.64
N THR B 184 22.89 31.17 -9.79
CA THR B 184 21.97 32.14 -10.35
C THR B 184 20.86 31.48 -11.17
N GLY B 185 19.85 32.28 -11.50
CA GLY B 185 18.80 31.87 -12.40
C GLY B 185 18.09 33.08 -12.97
N THR B 186 17.64 32.96 -14.21
CA THR B 186 17.07 34.06 -14.97
C THR B 186 15.92 33.54 -15.81
N GLY B 187 14.82 34.28 -15.86
CA GLY B 187 13.71 33.82 -16.66
C GLY B 187 12.66 34.91 -16.84
N PHE B 188 11.49 34.48 -17.33
CA PHE B 188 10.36 35.36 -17.54
C PHE B 188 9.11 34.72 -16.93
N ARG B 190 5.04 34.05 -16.93
CA ARG B 190 4.11 33.75 -18.01
C ARG B 190 2.93 34.71 -17.99
N ASP B 191 2.34 34.94 -19.16
CA ASP B 191 1.19 35.82 -19.27
C ASP B 191 -0.10 35.01 -19.10
N GLU B 192 -1.24 35.58 -19.50
CA GLU B 192 -2.52 34.91 -19.29
C GLU B 192 -2.71 33.73 -20.23
N LYS B 193 -2.08 33.77 -21.41
CA LYS B 193 -2.21 32.66 -22.36
C LYS B 193 -1.24 31.53 -22.07
N GLY B 194 -0.19 31.78 -21.28
CA GLY B 194 0.83 30.78 -21.00
C GLY B 194 2.16 31.01 -21.69
N ASN B 195 2.31 32.13 -22.42
CA ASN B 195 3.53 32.49 -23.12
C ASN B 195 4.44 33.31 -22.22
N PRO B 196 5.76 33.27 -22.45
CA PRO B 196 6.67 34.09 -21.64
C PRO B 196 6.45 35.58 -21.90
N ASP B 197 6.29 36.34 -20.82
CA ASP B 197 6.10 37.78 -20.90
C ASP B 197 7.47 38.45 -20.77
N ARG B 198 7.99 38.96 -21.88
CA ARG B 198 9.35 39.51 -21.89
C ARG B 198 9.44 40.85 -21.15
N SER B 199 8.31 41.44 -20.77
CA SER B 199 8.31 42.61 -19.90
C SER B 199 8.25 42.24 -18.42
N ARG B 200 8.35 40.95 -18.09
CA ARG B 200 8.37 40.48 -16.70
C ARG B 200 9.51 39.50 -16.47
N PRO B 201 10.76 39.94 -16.65
CA PRO B 201 11.89 39.07 -16.32
C PRO B 201 12.09 38.99 -14.82
N PHE B 202 12.79 37.92 -14.41
CA PHE B 202 13.11 37.73 -13.00
C PHE B 202 14.50 37.13 -12.89
N GLY B 203 15.09 37.31 -11.71
CA GLY B 203 16.42 36.80 -11.44
C GLY B 203 16.52 36.23 -10.03
N TRP B 204 17.24 35.12 -9.91
CA TRP B 204 17.53 34.46 -8.64
C TRP B 204 19.01 34.52 -8.32
N PHE B 205 19.33 34.61 -7.03
CA PHE B 205 20.62 34.13 -6.52
C PHE B 205 20.37 33.48 -5.17
N VAL B 206 20.71 32.19 -5.05
CA VAL B 206 20.48 31.41 -3.84
C VAL B 206 21.74 30.62 -3.52
N GLY B 207 21.91 30.29 -2.24
CA GLY B 207 23.09 29.53 -1.85
C GLY B 207 23.40 29.70 -0.37
N TRP B 208 24.69 29.61 -0.05
CA TRP B 208 25.15 29.78 1.32
C TRP B 208 26.50 30.47 1.30
N ALA B 209 26.95 30.92 2.47
CA ALA B 209 28.18 31.70 2.55
C ALA B 209 28.80 31.50 3.92
N GLU B 210 30.11 31.70 3.98
CA GLU B 210 30.88 31.46 5.20
C GLU B 210 31.89 32.58 5.40
N ARG B 211 32.00 33.03 6.65
CA ARG B 211 33.05 33.97 7.05
C ARG B 211 33.53 33.54 8.45
N GLU B 212 34.77 33.05 8.52
CA GLU B 212 35.39 32.66 9.79
C GLU B 212 34.54 31.64 10.53
N GLY B 213 34.18 30.56 9.84
CA GLY B 213 33.44 29.47 10.44
C GLY B 213 31.94 29.69 10.56
N GLN B 214 31.46 30.93 10.51
CA GLN B 214 30.04 31.21 10.63
C GLN B 214 29.39 31.16 9.26
N HIS B 215 28.33 30.36 9.15
CA HIS B 215 27.64 30.15 7.88
C HIS B 215 26.27 30.81 7.88
N ILE B 216 25.85 31.25 6.70
CA ILE B 216 24.50 31.76 6.48
C ILE B 216 23.97 31.10 5.21
N VAL B 217 22.65 31.10 5.08
CA VAL B 217 21.97 30.59 3.90
C VAL B 217 21.04 31.68 3.40
N PHE B 218 20.93 31.83 2.09
CA PHE B 218 20.30 33.01 1.54
C PHE B 218 19.54 32.69 0.27
N ALA B 219 18.62 33.59 -0.07
CA ALA B 219 17.91 33.49 -1.33
C ALA B 219 17.39 34.87 -1.65
N ARG B 220 17.74 35.38 -2.83
N ARG B 220 17.75 35.39 -2.82
CA ARG B 220 17.24 36.66 -3.32
CA ARG B 220 17.23 36.66 -3.30
C ARG B 220 16.50 36.44 -4.63
C ARG B 220 16.49 36.43 -4.62
N LEU B 221 15.33 37.05 -4.74
CA LEU B 221 14.49 36.93 -5.93
C LEU B 221 14.02 38.32 -6.31
N ARG B 222 14.31 38.73 -7.54
CA ARG B 222 13.80 39.99 -8.09
C ARG B 222 12.87 39.66 -9.25
N VAL B 223 11.63 40.13 -9.17
CA VAL B 223 10.67 40.00 -10.26
C VAL B 223 10.31 41.40 -10.71
N ALA B 224 10.63 41.73 -11.95
CA ALA B 224 10.41 43.07 -12.48
C ALA B 224 9.13 43.12 -13.31
N ASP B 225 8.69 44.36 -13.57
CA ASP B 225 7.51 44.60 -14.41
C ASP B 225 7.86 45.40 -15.65
N LYS B 226 9.14 45.54 -15.97
CA LYS B 226 9.60 46.23 -17.17
C LYS B 226 10.70 45.40 -17.81
N PRO B 227 10.90 45.55 -19.12
CA PRO B 227 11.94 44.75 -19.79
C PRO B 227 13.33 45.13 -19.29
N SER B 228 14.25 44.17 -19.39
CA SER B 228 15.60 44.35 -18.91
C SER B 228 16.59 44.01 -20.02
N SER B 229 17.70 44.75 -20.04
CA SER B 229 18.71 44.56 -21.09
C SER B 229 19.64 43.39 -20.78
N GLU B 230 20.09 43.27 -19.54
CA GLU B 230 21.02 42.23 -19.14
C GLU B 230 20.32 41.19 -18.29
N PRO B 231 20.85 39.96 -18.24
CA PRO B 231 20.17 38.88 -17.50
C PRO B 231 20.08 39.18 -16.01
N LEU B 232 18.88 39.00 -15.46
CA LEU B 232 18.61 39.45 -14.09
C LEU B 232 19.37 38.62 -13.06
N GLY B 233 19.58 37.32 -13.31
CA GLY B 233 20.24 36.45 -12.37
C GLY B 233 21.61 36.97 -11.94
N PRO B 234 22.53 37.11 -12.90
CA PRO B 234 23.81 37.77 -12.60
C PRO B 234 23.66 39.13 -11.94
N ALA B 235 22.68 39.94 -12.36
CA ALA B 235 22.49 41.26 -11.75
C ALA B 235 22.13 41.14 -10.28
N VAL B 236 21.19 40.24 -9.96
CA VAL B 236 20.83 39.96 -8.57
C VAL B 236 22.05 39.47 -7.80
N ARG B 237 22.86 38.62 -8.43
CA ARG B 237 24.05 38.08 -7.77
CA ARG B 237 24.05 38.08 -7.77
C ARG B 237 25.03 39.19 -7.41
N ASP B 238 25.35 40.05 -8.38
CA ASP B 238 26.30 41.13 -8.14
C ASP B 238 25.81 42.07 -7.03
N ALA B 239 24.52 42.39 -7.01
CA ALA B 239 24.00 43.24 -5.95
C ALA B 239 24.06 42.53 -4.60
N PHE B 240 23.84 41.22 -4.57
CA PHE B 240 23.86 40.51 -3.30
C PHE B 240 25.29 40.43 -2.76
N LEU B 241 26.27 40.20 -3.63
CA LEU B 241 27.66 40.15 -3.19
C LEU B 241 28.09 41.46 -2.55
N ARG B 242 27.67 42.60 -3.13
CA ARG B 242 28.04 43.89 -2.57
C ARG B 242 27.36 44.15 -1.22
N ASP B 243 26.15 43.62 -1.02
CA ASP B 243 25.34 43.90 0.15
C ASP B 243 25.52 42.90 1.29
N ILE B 244 26.15 41.75 1.04
CA ILE B 244 26.06 40.63 2.00
C ILE B 244 26.68 40.99 3.35
N ALA B 245 27.69 41.85 3.36
CA ALA B 245 28.33 42.25 4.62
C ALA B 245 27.33 42.89 5.57
N ARG B 246 26.50 43.80 5.06
CA ARG B 246 25.53 44.45 5.95
C ARG B 246 24.30 43.59 6.16
N LEU B 247 23.92 42.76 5.17
CA LEU B 247 22.77 41.89 5.34
C LEU B 247 23.00 40.83 6.42
N ALA B 248 24.25 40.43 6.63
CA ALA B 248 24.57 39.35 7.55
C ALA B 248 25.08 39.86 8.90
N VAL B 249 24.87 41.14 9.22
CA VAL B 249 25.45 41.70 10.42
C VAL B 249 24.74 41.21 11.67
N HIS B 250 23.45 40.86 11.56
CA HIS B 250 22.67 40.43 12.71
C HIS B 250 22.74 38.93 12.95
N ARG B 251 23.86 38.30 12.63
CA ARG B 251 24.02 36.85 12.69
C ARG B 251 24.46 36.37 14.09
N SER C 6 -38.73 -6.72 13.27
CA SER C 6 -37.56 -6.89 12.41
C SER C 6 -36.94 -8.27 12.59
N GLN C 7 -36.53 -8.88 11.48
CA GLN C 7 -35.96 -10.22 11.46
C GLN C 7 -34.46 -10.23 11.71
N ALA C 8 -33.86 -9.09 12.04
CA ALA C 8 -32.43 -8.99 12.24
C ALA C 8 -32.09 -9.12 13.73
N PHE C 9 -30.94 -9.73 14.01
CA PHE C 9 -30.46 -9.83 15.38
C PHE C 9 -28.97 -10.17 15.37
N GLU C 10 -28.32 -9.87 16.49
CA GLU C 10 -26.92 -10.20 16.67
C GLU C 10 -26.70 -10.76 18.07
N CYS C 11 -25.95 -11.86 18.17
CA CYS C 11 -25.62 -12.47 19.43
CA CYS C 11 -25.61 -12.45 19.45
C CYS C 11 -24.10 -12.56 19.57
N THR C 12 -23.61 -12.31 20.78
CA THR C 12 -22.20 -12.55 21.09
C THR C 12 -22.16 -13.20 22.46
N LEU C 13 -21.62 -14.41 22.53
CA LEU C 13 -21.50 -15.14 23.78
C LEU C 13 -20.05 -15.50 24.00
N VAL C 14 -19.51 -15.12 25.15
CA VAL C 14 -18.15 -15.46 25.54
C VAL C 14 -18.22 -16.03 26.94
N THR C 15 -17.68 -17.23 27.13
CA THR C 15 -17.73 -17.92 28.41
C THR C 15 -16.32 -18.32 28.82
N SER C 16 -16.12 -18.47 30.13
CA SER C 16 -14.82 -18.81 30.68
C SER C 16 -14.73 -20.33 30.85
N ILE C 17 -13.60 -20.91 30.43
CA ILE C 17 -13.41 -22.34 30.61
C ILE C 17 -13.08 -22.67 32.05
N GLU C 18 -12.24 -21.85 32.69
CA GLU C 18 -11.80 -22.16 34.05
C GLU C 18 -12.92 -22.04 35.07
N THR C 19 -13.85 -21.10 34.88
CA THR C 19 -14.96 -20.94 35.81
C THR C 19 -16.31 -21.40 35.28
N GLY C 20 -16.45 -21.56 33.96
CA GLY C 20 -17.73 -21.89 33.37
C GLY C 20 -18.70 -20.72 33.25
N ALA C 21 -18.43 -19.62 33.92
CA ALA C 21 -19.40 -18.52 33.96
C ALA C 21 -19.37 -17.71 32.66
N VAL C 22 -20.47 -17.01 32.42
CA VAL C 22 -20.52 -16.07 31.30
C VAL C 22 -19.57 -14.91 31.58
N ILE C 23 -18.75 -14.57 30.60
CA ILE C 23 -17.94 -13.36 30.67
C ILE C 23 -18.67 -12.19 30.04
N ASN C 24 -19.21 -12.43 28.85
CA ASN C 24 -19.95 -11.41 28.09
C ASN C 24 -21.02 -12.11 27.28
N GLN C 25 -22.23 -11.55 27.30
CA GLN C 25 -23.30 -12.03 26.43
C GLN C 25 -24.07 -10.84 25.93
N GLN C 26 -24.30 -10.79 24.61
CA GLN C 26 -25.11 -9.75 24.01
C GLN C 26 -26.18 -10.45 23.19
N GLY C 27 -27.45 -10.09 23.41
CA GLY C 27 -28.55 -10.80 22.80
C GLY C 27 -28.85 -12.12 23.50
N ALA C 28 -29.94 -12.75 23.04
CA ALA C 28 -30.44 -13.95 23.71
C ALA C 28 -29.59 -15.19 23.43
N CYS C 29 -28.98 -15.27 22.24
CA CYS C 29 -28.04 -16.33 21.88
C CYS C 29 -28.67 -17.72 21.86
N ASP C 30 -29.99 -17.81 21.80
CA ASP C 30 -30.67 -19.10 21.75
C ASP C 30 -31.42 -19.36 20.45
N GLN C 31 -31.34 -18.46 19.48
CA GLN C 31 -31.98 -18.69 18.18
C GLN C 31 -31.11 -19.58 17.30
N ARG C 32 -31.72 -20.62 16.74
CA ARG C 32 -31.02 -21.60 15.90
C ARG C 32 -30.98 -21.13 14.45
N VAL C 33 -29.78 -21.12 13.86
CA VAL C 33 -29.55 -20.80 12.46
C VAL C 33 -28.71 -21.93 11.87
N ALA C 34 -28.75 -22.06 10.54
CA ALA C 34 -27.88 -23.03 9.88
C ALA C 34 -26.42 -22.70 10.19
N PRO C 35 -25.58 -23.71 10.46
CA PRO C 35 -24.19 -23.43 10.84
C PRO C 35 -23.33 -22.93 9.70
N ALA C 36 -23.73 -23.14 8.43
CA ALA C 36 -22.91 -22.87 7.25
C ALA C 36 -21.52 -23.51 7.48
N SER C 37 -20.43 -22.81 7.19
CA SER C 37 -19.11 -23.42 7.26
C SER C 37 -18.59 -23.64 8.67
N THR C 38 -19.26 -23.14 9.71
CA THR C 38 -18.85 -23.54 11.05
C THR C 38 -19.06 -25.03 11.25
N PHE C 39 -19.88 -25.66 10.41
CA PHE C 39 -20.14 -27.08 10.50
C PHE C 39 -18.89 -27.89 10.14
N VAL C 41 -16.22 -27.77 11.60
CA VAL C 41 -15.55 -28.20 12.83
C VAL C 41 -16.10 -29.58 13.25
N PRO C 42 -17.41 -29.75 13.48
CA PRO C 42 -17.91 -31.10 13.74
C PRO C 42 -17.68 -32.06 12.58
N LEU C 43 -17.70 -31.58 11.33
CA LEU C 43 -17.48 -32.51 10.22
C LEU C 43 -16.06 -33.05 10.21
N ALA C 44 -15.08 -32.23 10.60
CA ALA C 44 -13.71 -32.73 10.70
C ALA C 44 -13.61 -33.79 11.79
N LEU C 45 -14.28 -33.54 12.92
CA LEU C 45 -14.29 -34.50 14.02
C LEU C 45 -14.82 -35.85 13.55
N ILE C 46 -15.92 -35.84 12.80
CA ILE C 46 -16.50 -37.05 12.22
C ILE C 46 -15.52 -37.70 11.25
N GLY C 47 -14.92 -36.90 10.37
CA GLY C 47 -14.00 -37.43 9.38
C GLY C 47 -12.79 -38.10 10.00
N TYR C 48 -12.22 -37.50 11.05
CA TYR C 48 -11.08 -38.11 11.71
C TYR C 48 -11.48 -39.38 12.45
N ASP C 49 -12.56 -39.31 13.22
CA ASP C 49 -12.96 -40.47 14.00
C ASP C 49 -13.29 -41.65 13.09
N ALA C 50 -13.94 -41.37 11.95
CA ALA C 50 -14.30 -42.40 10.99
C ALA C 50 -13.09 -43.04 10.31
N GLY C 51 -11.94 -42.36 10.33
CA GLY C 51 -10.77 -42.85 9.65
C GLY C 51 -10.66 -42.43 8.19
N ILE C 52 -11.50 -41.49 7.74
CA ILE C 52 -11.39 -41.00 6.37
C ILE C 52 -10.36 -39.87 6.29
N LEU C 53 -10.41 -38.94 7.23
CA LEU C 53 -9.33 -37.97 7.39
C LEU C 53 -8.24 -38.58 8.26
N LEU C 54 -6.99 -38.28 7.94
CA LEU C 54 -5.86 -38.96 8.54
C LEU C 54 -5.03 -38.06 9.43
N ASP C 55 -4.62 -36.89 8.95
CA ASP C 55 -3.93 -35.91 9.78
C ASP C 55 -4.18 -34.53 9.18
N ASP C 56 -3.32 -33.56 9.52
CA ASP C 56 -3.54 -32.20 9.06
C ASP C 56 -3.31 -32.02 7.57
N LYS C 57 -2.60 -32.96 6.92
CA LYS C 57 -2.24 -32.81 5.52
C LYS C 57 -2.78 -33.90 4.61
N THR C 58 -3.45 -34.93 5.13
CA THR C 58 -3.95 -36.02 4.31
C THR C 58 -5.35 -36.42 4.78
N PRO C 59 -6.26 -36.76 3.85
CA PRO C 59 -6.04 -36.83 2.40
C PRO C 59 -6.02 -35.48 1.69
N ALA C 60 -5.24 -35.41 0.63
CA ALA C 60 -5.24 -34.26 -0.27
C ALA C 60 -6.02 -34.65 -1.52
N TRP C 61 -7.14 -33.99 -1.76
CA TRP C 61 -7.98 -34.26 -2.91
C TRP C 61 -7.87 -33.12 -3.90
N ASP C 62 -7.89 -33.46 -5.19
CA ASP C 62 -7.83 -32.48 -6.26
C ASP C 62 -9.24 -32.20 -6.76
N TRP C 63 -9.58 -30.92 -6.88
CA TRP C 63 -10.80 -30.54 -7.57
C TRP C 63 -10.76 -31.04 -9.01
N LYS C 64 -11.87 -31.57 -9.47
CA LYS C 64 -11.97 -32.08 -10.83
C LYS C 64 -13.16 -31.45 -11.53
N PRO C 65 -13.09 -31.31 -12.86
CA PRO C 65 -14.21 -30.72 -13.59
C PRO C 65 -15.51 -31.46 -13.33
N GLY C 66 -16.62 -30.72 -13.38
CA GLY C 66 -17.91 -31.26 -13.02
C GLY C 66 -18.28 -31.09 -11.56
N THR C 67 -17.41 -30.51 -10.75
CA THR C 67 -17.66 -30.28 -9.33
C THR C 67 -17.98 -28.81 -9.10
N GLU C 68 -19.11 -28.54 -8.45
CA GLU C 68 -19.52 -27.17 -8.15
C GLU C 68 -18.53 -26.53 -7.18
N ALA C 69 -17.98 -25.38 -7.55
CA ALA C 69 -16.98 -24.74 -6.70
C ALA C 69 -16.71 -23.33 -7.20
N ARG C 70 -16.53 -22.41 -6.25
CA ARG C 70 -16.05 -21.08 -6.58
C ARG C 70 -14.66 -21.18 -7.21
N ALA C 71 -14.31 -20.18 -8.02
CA ALA C 71 -13.05 -20.20 -8.74
C ALA C 71 -11.87 -20.41 -7.80
N GLN C 72 -11.91 -19.80 -6.62
CA GLN C 72 -10.80 -19.90 -5.68
C GLN C 72 -10.64 -21.29 -5.08
N ASP C 73 -11.66 -22.14 -5.18
CA ASP C 73 -11.62 -23.48 -4.60
C ASP C 73 -11.15 -24.55 -5.58
N ARG C 74 -10.81 -24.17 -6.81
CA ARG C 74 -10.45 -25.13 -7.86
C ARG C 74 -8.94 -25.38 -7.79
N LYS C 75 -8.54 -26.15 -6.78
CA LYS C 75 -7.14 -26.52 -6.60
C LYS C 75 -7.08 -27.77 -5.72
N THR C 76 -5.86 -28.18 -5.36
CA THR C 76 -5.67 -29.26 -4.40
C THR C 76 -5.97 -28.77 -2.98
N VAL C 77 -6.68 -29.59 -2.22
CA VAL C 77 -7.15 -29.23 -0.89
C VAL C 77 -6.88 -30.39 0.07
N ASP C 78 -6.32 -30.09 1.25
CA ASP C 78 -6.10 -31.06 2.31
C ASP C 78 -6.89 -30.58 3.54
N PRO C 79 -6.88 -31.30 4.68
CA PRO C 79 -7.72 -30.85 5.80
C PRO C 79 -7.40 -29.46 6.32
N THR C 80 -6.13 -29.05 6.32
CA THR C 80 -5.78 -27.70 6.78
C THR C 80 -6.38 -26.65 5.85
N ILE C 81 -6.17 -26.82 4.54
CA ILE C 81 -6.69 -25.89 3.54
C ILE C 81 -8.21 -25.86 3.58
N TRP C 82 -8.83 -27.03 3.74
CA TRP C 82 -10.29 -27.16 3.83
C TRP C 82 -10.88 -26.23 4.89
N GLU C 83 -10.27 -26.20 6.07
CA GLU C 83 -10.77 -25.36 7.15
C GLU C 83 -10.41 -23.90 6.94
N GLN C 84 -9.15 -23.64 6.55
CA GLN C 84 -8.70 -22.26 6.41
C GLN C 84 -9.45 -21.53 5.30
N ASP C 85 -9.73 -22.22 4.19
CA ASP C 85 -10.33 -21.60 3.01
C ASP C 85 -11.80 -21.95 2.84
N SER C 86 -12.37 -22.75 3.73
CA SER C 86 -13.82 -23.04 3.77
C SER C 86 -14.29 -23.69 2.46
N VAL C 87 -13.63 -24.79 2.10
CA VAL C 87 -13.81 -25.44 0.80
C VAL C 87 -15.01 -26.38 0.88
N LEU C 88 -16.16 -25.93 0.34
CA LEU C 88 -17.39 -26.70 0.45
C LEU C 88 -17.30 -28.04 -0.29
N TRP C 89 -16.68 -28.06 -1.46
CA TRP C 89 -16.67 -29.32 -2.22
C TRP C 89 -15.91 -30.41 -1.47
N TYR C 90 -14.90 -30.03 -0.68
CA TYR C 90 -14.21 -31.00 0.16
C TYR C 90 -15.14 -31.57 1.22
N SER C 91 -15.95 -30.71 1.85
CA SER C 91 -16.94 -31.19 2.81
C SER C 91 -17.86 -32.21 2.18
N ARG C 92 -18.28 -31.96 0.94
CA ARG C 92 -19.26 -32.83 0.29
C ARG C 92 -18.63 -34.14 -0.17
N GLU C 93 -17.34 -34.13 -0.50
CA GLU C 93 -16.69 -35.41 -0.79
C GLU C 93 -16.52 -36.23 0.47
N LEU C 94 -16.33 -35.56 1.61
CA LEU C 94 -16.24 -36.26 2.89
C LEU C 94 -17.58 -36.87 3.30
N THR C 95 -18.69 -36.14 3.14
CA THR C 95 -19.97 -36.74 3.45
C THR C 95 -20.32 -37.83 2.45
N ARG C 96 -19.86 -37.69 1.20
CA ARG C 96 -20.12 -38.75 0.22
C ARG C 96 -19.44 -40.04 0.64
N ARG C 97 -18.23 -39.93 1.18
CA ARG C 97 -17.50 -41.12 1.64
C ARG C 97 -18.05 -41.65 2.94
N LEU C 98 -18.60 -40.76 3.77
CA LEU C 98 -19.26 -41.20 5.00
C LEU C 98 -20.55 -41.93 4.69
N GLY C 99 -21.32 -41.43 3.73
CA GLY C 99 -22.62 -42.00 3.46
C GLY C 99 -23.65 -41.58 4.48
N PRO C 100 -24.94 -41.70 4.14
CA PRO C 100 -25.98 -41.08 4.97
C PRO C 100 -26.19 -41.77 6.30
N GLU C 101 -25.98 -43.09 6.39
CA GLU C 101 -26.13 -43.77 7.67
C GLU C 101 -25.15 -43.25 8.71
N LYS C 102 -23.85 -43.29 8.38
CA LYS C 102 -22.82 -42.82 9.30
C LYS C 102 -23.00 -41.36 9.64
N PHE C 103 -23.28 -40.53 8.63
CA PHE C 103 -23.44 -39.09 8.85
C PHE C 103 -24.54 -38.81 9.87
N ALA C 104 -25.76 -39.31 9.62
CA ALA C 104 -26.85 -39.10 10.55
C ALA C 104 -26.52 -39.64 11.93
N ALA C 105 -25.84 -40.80 12.01
CA ALA C 105 -25.54 -41.39 13.31
C ALA C 105 -24.57 -40.53 14.11
N TYR C 106 -23.54 -39.99 13.44
CA TYR C 106 -22.55 -39.17 14.13
C TYR C 106 -23.15 -37.86 14.63
N VAL C 107 -23.96 -37.19 13.80
CA VAL C 107 -24.53 -35.90 14.19
C VAL C 107 -25.47 -36.07 15.37
N LYS C 108 -26.28 -37.13 15.37
CA LYS C 108 -27.14 -37.42 16.50
C LYS C 108 -26.32 -37.75 17.74
N ARG C 109 -25.27 -38.58 17.60
CA ARG C 109 -24.45 -38.92 18.75
C ARG C 109 -23.80 -37.69 19.37
N LEU C 110 -23.32 -36.78 18.52
CA LEU C 110 -22.71 -35.55 19.01
C LEU C 110 -23.74 -34.58 19.59
N GLY C 111 -25.02 -34.81 19.36
CA GLY C 111 -26.07 -33.91 19.86
C GLY C 111 -25.96 -32.51 19.31
N TYR C 112 -25.54 -32.37 18.05
CA TYR C 112 -25.15 -31.07 17.51
C TYR C 112 -26.38 -30.30 17.00
N GLY C 113 -26.73 -29.23 17.71
CA GLY C 113 -27.86 -28.42 17.28
C GLY C 113 -29.16 -29.22 17.31
N ASN C 114 -29.95 -29.10 16.25
CA ASN C 114 -31.14 -29.94 16.14
C ASN C 114 -30.84 -31.33 15.58
N ALA C 115 -29.59 -31.58 15.17
CA ALA C 115 -29.11 -32.91 14.78
C ALA C 115 -29.87 -33.48 13.59
N ASP C 116 -30.36 -32.62 12.70
CA ASP C 116 -31.15 -33.06 11.55
C ASP C 116 -30.36 -32.85 10.26
N VAL C 117 -29.87 -33.94 9.68
CA VAL C 117 -29.19 -33.85 8.38
C VAL C 117 -29.97 -34.60 7.30
N SER C 118 -31.29 -34.74 7.48
CA SER C 118 -32.16 -35.36 6.48
C SER C 118 -32.46 -34.46 5.29
N GLY C 119 -32.13 -33.17 5.37
CA GLY C 119 -32.37 -32.25 4.27
C GLY C 119 -33.85 -31.93 4.06
N GLU C 120 -34.17 -31.44 2.81
CA GLU C 120 -35.53 -30.98 2.54
C GLU C 120 -36.37 -32.08 1.87
N PRO C 121 -37.68 -32.06 2.09
CA PRO C 121 -38.55 -32.99 1.37
C PRO C 121 -38.40 -32.87 -0.14
N GLY C 122 -38.31 -34.01 -0.81
CA GLY C 122 -38.30 -34.08 -2.26
C GLY C 122 -36.96 -33.86 -2.92
N LYS C 123 -35.90 -33.54 -2.17
CA LYS C 123 -34.64 -33.10 -2.76
C LYS C 123 -33.45 -34.01 -2.51
N ASN C 124 -33.50 -34.86 -1.48
CA ASN C 124 -32.35 -35.70 -1.09
C ASN C 124 -31.06 -34.89 -1.03
N ASN C 125 -31.11 -33.75 -0.33
CA ASN C 125 -29.95 -32.86 -0.25
C ASN C 125 -29.34 -32.83 1.14
N GLY C 126 -29.64 -33.82 1.98
CA GLY C 126 -29.06 -33.83 3.31
C GLY C 126 -27.55 -34.02 3.33
N LEU C 127 -27.01 -34.81 2.39
CA LEU C 127 -25.57 -35.01 2.37
C LEU C 127 -24.81 -33.80 1.82
N THR C 128 -25.50 -32.91 1.11
CA THR C 128 -24.86 -31.82 0.39
C THR C 128 -25.26 -30.45 0.87
N HIS C 129 -26.42 -30.30 1.52
CA HIS C 129 -26.96 -28.98 1.84
C HIS C 129 -27.50 -28.84 3.25
N SER C 130 -27.52 -29.91 4.07
CA SER C 130 -28.15 -29.82 5.38
C SER C 130 -27.56 -28.70 6.22
N TRP C 131 -26.23 -28.60 6.25
CA TRP C 131 -25.61 -27.56 7.07
C TRP C 131 -25.68 -26.19 6.45
N LEU C 132 -26.17 -26.07 5.21
CA LEU C 132 -26.27 -24.78 4.54
C LEU C 132 -27.66 -24.14 4.67
N GLY C 133 -28.63 -24.84 5.24
CA GLY C 133 -29.97 -24.32 5.30
C GLY C 133 -31.04 -25.35 4.96
N ALA C 134 -30.61 -26.56 4.58
CA ALA C 134 -31.59 -27.56 4.16
C ALA C 134 -32.25 -28.27 5.34
N SER C 135 -31.60 -28.34 6.51
CA SER C 135 -32.27 -28.94 7.67
C SER C 135 -31.54 -28.69 9.00
N LEU C 136 -30.22 -28.68 8.99
CA LEU C 136 -29.47 -28.64 10.25
C LEU C 136 -29.40 -27.21 10.78
N THR C 137 -29.73 -27.02 12.06
CA THR C 137 -29.62 -25.72 12.71
C THR C 137 -28.93 -25.85 14.07
N VAL C 138 -28.32 -24.74 14.50
CA VAL C 138 -27.59 -24.69 15.77
C VAL C 138 -27.68 -23.25 16.30
N SER C 139 -27.68 -23.12 17.63
CA SER C 139 -27.73 -21.81 18.27
C SER C 139 -26.35 -21.40 18.78
N PRO C 140 -26.12 -20.10 19.07
CA PRO C 140 -24.83 -19.69 19.64
C PRO C 140 -24.48 -20.41 20.93
N VAL C 141 -25.43 -20.53 21.87
CA VAL C 141 -25.15 -21.24 23.12
C VAL C 141 -24.83 -22.70 22.85
N GLU C 142 -25.44 -23.30 21.82
CA GLU C 142 -25.09 -24.66 21.44
C GLU C 142 -23.70 -24.73 20.81
N GLN C 143 -23.34 -23.76 19.97
CA GLN C 143 -21.97 -23.69 19.47
C GLN C 143 -20.98 -23.64 20.63
N VAL C 144 -21.26 -22.79 21.62
CA VAL C 144 -20.36 -22.68 22.76
C VAL C 144 -20.25 -23.99 23.50
N GLY C 145 -21.38 -24.71 23.68
CA GLY C 145 -21.33 -25.96 24.40
C GLY C 145 -20.55 -27.04 23.68
N PHE C 146 -20.65 -27.07 22.35
CA PHE C 146 -19.88 -28.01 21.54
C PHE C 146 -18.38 -27.75 21.64
N ILE C 147 -17.98 -26.48 21.51
CA ILE C 147 -16.56 -26.15 21.50
C ILE C 147 -15.93 -26.38 22.87
N ARG C 148 -16.67 -26.07 23.94
CA ARG C 148 -16.16 -26.37 25.29
C ARG C 148 -15.85 -27.86 25.45
N ARG C 149 -16.74 -28.73 24.96
CA ARG C 149 -16.54 -30.17 25.09
C ARG C 149 -15.39 -30.65 24.20
N LEU C 150 -15.29 -30.09 23.00
CA LEU C 150 -14.15 -30.38 22.11
C LEU C 150 -12.83 -30.05 22.80
N LEU C 151 -12.77 -28.90 23.48
CA LEU C 151 -11.54 -28.47 24.11
C LEU C 151 -11.16 -29.36 25.29
N ALA C 152 -12.15 -29.83 26.05
CA ALA C 152 -11.90 -30.74 27.14
C ALA C 152 -11.68 -32.17 26.69
N GLY C 153 -11.97 -32.48 25.42
CA GLY C 153 -11.91 -33.86 24.97
C GLY C 153 -13.03 -34.72 25.49
N ASN C 154 -14.19 -34.13 25.74
CA ASN C 154 -15.33 -34.86 26.31
C ASN C 154 -16.46 -35.08 25.31
N LEU C 155 -16.21 -34.86 24.03
CA LEU C 155 -17.21 -35.23 23.04
C LEU C 155 -17.22 -36.75 22.87
N PRO C 156 -18.38 -37.35 22.47
CA PRO C 156 -18.48 -38.81 22.35
C PRO C 156 -17.88 -39.38 21.06
N VAL C 157 -16.61 -39.08 20.84
CA VAL C 157 -15.80 -39.69 19.78
C VAL C 157 -14.41 -39.92 20.36
N SER C 158 -13.52 -40.49 19.56
CA SER C 158 -12.20 -40.84 20.08
C SER C 158 -11.43 -39.57 20.50
N ARG C 159 -10.55 -39.73 21.49
CA ARG C 159 -9.80 -38.56 21.94
C ARG C 159 -8.81 -38.08 20.88
N ASP C 160 -8.29 -39.01 20.07
CA ASP C 160 -7.37 -38.63 18.99
C ASP C 160 -8.08 -37.84 17.91
N ALA C 161 -9.33 -38.19 17.59
CA ALA C 161 -10.08 -37.39 16.61
C ALA C 161 -10.28 -35.96 17.10
N GLN C 162 -10.52 -35.80 18.41
CA GLN C 162 -10.71 -34.46 18.96
C GLN C 162 -9.43 -33.65 18.92
N ALA C 163 -8.29 -34.28 19.23
CA ALA C 163 -7.00 -33.61 19.11
C ALA C 163 -6.72 -33.19 17.67
N LYS C 164 -7.06 -34.02 16.70
CA LYS C 164 -6.75 -33.69 15.31
C LYS C 164 -7.64 -32.56 14.80
N THR C 165 -8.90 -32.51 15.25
CA THR C 165 -9.79 -31.45 14.84
C THR C 165 -9.32 -30.10 15.38
N ARG C 166 -8.98 -30.04 16.67
CA ARG C 166 -8.47 -28.79 17.25
C ARG C 166 -7.27 -28.28 16.46
N ALA C 167 -6.45 -29.17 15.94
CA ALA C 167 -5.21 -28.76 15.29
C ALA C 167 -5.45 -28.06 13.96
N ILE C 168 -6.58 -28.27 13.29
CA ILE C 168 -6.81 -27.68 11.98
C ILE C 168 -7.83 -26.55 12.03
N VAL C 169 -8.26 -26.14 13.22
CA VAL C 169 -9.08 -24.93 13.30
C VAL C 169 -8.19 -23.71 13.07
N PRO C 170 -8.54 -22.81 12.17
CA PRO C 170 -7.66 -21.67 11.87
C PRO C 170 -7.38 -20.81 13.09
N VAL C 171 -6.17 -20.26 13.15
CA VAL C 171 -5.70 -19.44 14.27
C VAL C 171 -5.58 -17.99 13.82
N PHE C 172 -5.92 -17.06 14.71
CA PHE C 172 -5.77 -15.63 14.48
C PHE C 172 -5.16 -14.99 15.72
N TYR C 173 -4.51 -13.84 15.55
CA TYR C 173 -3.86 -13.16 16.66
C TYR C 173 -4.45 -11.76 16.81
N ALA C 174 -5.13 -11.54 17.93
CA ALA C 174 -5.82 -10.32 18.29
C ALA C 174 -4.99 -9.53 19.29
N PRO C 175 -5.29 -8.23 19.44
CA PRO C 175 -4.54 -7.42 20.40
C PRO C 175 -4.52 -8.00 21.81
N GLU C 176 -3.46 -7.66 22.54
CA GLU C 176 -3.28 -8.00 23.95
C GLU C 176 -3.04 -9.49 24.15
N SER C 177 -2.30 -10.10 23.21
CA SER C 177 -1.77 -11.46 23.32
C SER C 177 -2.84 -12.54 23.27
N TRP C 178 -3.99 -12.25 22.67
CA TRP C 178 -5.05 -13.24 22.52
C TRP C 178 -4.76 -14.11 21.29
N SER C 179 -4.67 -15.42 21.49
CA SER C 179 -4.58 -16.38 20.40
CA SER C 179 -4.57 -16.39 20.39
C SER C 179 -5.97 -16.95 20.14
N VAL C 180 -6.53 -16.66 18.98
CA VAL C 180 -7.92 -16.99 18.68
C VAL C 180 -7.97 -18.12 17.67
N HIS C 181 -8.60 -19.23 18.04
CA HIS C 181 -8.87 -20.34 17.14
C HIS C 181 -10.35 -20.31 16.78
N GLY C 182 -10.67 -20.09 15.51
CA GLY C 182 -12.07 -19.93 15.16
C GLY C 182 -12.37 -20.27 13.72
N LYS C 183 -13.64 -20.54 13.47
CA LYS C 183 -14.15 -20.91 12.15
C LYS C 183 -15.30 -19.98 11.80
N THR C 184 -15.25 -19.41 10.59
CA THR C 184 -16.31 -18.58 10.07
C THR C 184 -17.39 -19.40 9.37
N GLY C 185 -18.53 -18.75 9.16
CA GLY C 185 -19.59 -19.29 8.34
C GLY C 185 -20.40 -18.17 7.75
N THR C 186 -20.88 -18.34 6.53
CA THR C 186 -21.65 -17.32 5.84
C THR C 186 -22.79 -18.01 5.11
N GLY C 187 -23.99 -17.44 5.19
CA GLY C 187 -25.11 -18.02 4.48
C GLY C 187 -26.25 -17.05 4.30
N PHE C 188 -27.39 -17.60 3.90
CA PHE C 188 -28.62 -16.83 3.74
C PHE C 188 -29.76 -17.53 4.45
N ARG C 190 -33.56 -18.66 4.75
CA ARG C 190 -34.49 -19.10 3.71
C ARG C 190 -35.80 -18.36 3.85
N ASP C 191 -36.44 -18.06 2.71
CA ASP C 191 -37.71 -17.37 2.72
C ASP C 191 -38.85 -18.39 2.87
N GLU C 192 -40.09 -17.95 2.65
CA GLU C 192 -41.24 -18.83 2.85
C GLU C 192 -41.20 -20.02 1.90
N LYS C 193 -40.75 -19.81 0.67
CA LYS C 193 -40.74 -20.85 -0.35
C LYS C 193 -39.59 -21.84 -0.18
N GLY C 194 -38.72 -21.64 0.80
CA GLY C 194 -37.59 -22.52 0.98
C GLY C 194 -36.38 -22.19 0.14
N ASN C 195 -36.36 -21.04 -0.51
CA ASN C 195 -35.24 -20.59 -1.32
C ASN C 195 -34.38 -19.62 -0.54
N PRO C 196 -33.11 -19.47 -0.89
CA PRO C 196 -32.24 -18.50 -0.20
C PRO C 196 -32.72 -17.08 -0.44
N ASP C 197 -32.84 -16.32 0.65
CA ASP C 197 -33.27 -14.93 0.59
C ASP C 197 -32.01 -14.08 0.68
N ARG C 198 -31.63 -13.48 -0.45
CA ARG C 198 -30.38 -12.72 -0.49
C ARG C 198 -30.45 -11.42 0.31
N SER C 199 -31.64 -11.03 0.78
CA SER C 199 -31.78 -9.89 1.65
C SER C 199 -31.64 -10.25 3.13
N ARG C 200 -31.34 -11.51 3.45
CA ARG C 200 -31.17 -11.96 4.82
C ARG C 200 -29.89 -12.79 4.97
N PRO C 201 -28.73 -12.20 4.73
CA PRO C 201 -27.48 -12.92 4.94
C PRO C 201 -27.19 -13.05 6.42
N PHE C 202 -26.36 -14.04 6.75
CA PHE C 202 -25.92 -14.18 8.13
C PHE C 202 -24.46 -14.61 8.15
N GLY C 203 -23.82 -14.35 9.30
CA GLY C 203 -22.43 -14.67 9.49
C GLY C 203 -22.12 -15.15 10.90
N TRP C 204 -21.24 -16.15 10.98
CA TRP C 204 -20.82 -16.75 12.23
C TRP C 204 -19.33 -16.55 12.43
N PHE C 205 -18.91 -16.52 13.68
CA PHE C 205 -17.51 -16.80 14.02
C PHE C 205 -17.52 -17.47 15.37
N VAL C 206 -17.03 -18.72 15.44
CA VAL C 206 -17.10 -19.50 16.67
C VAL C 206 -15.75 -20.13 16.95
N GLY C 207 -15.41 -20.28 18.23
CA GLY C 207 -14.16 -20.94 18.55
C GLY C 207 -13.75 -20.79 20.00
N TRP C 208 -12.44 -20.82 20.23
CA TRP C 208 -11.91 -20.53 21.56
C TRP C 208 -10.71 -19.60 21.44
N ALA C 209 -10.23 -19.14 22.60
CA ALA C 209 -9.11 -18.20 22.62
C ALA C 209 -8.36 -18.35 23.93
N GLU C 210 -7.05 -18.08 23.88
CA GLU C 210 -6.16 -18.26 25.01
C GLU C 210 -5.37 -16.98 25.24
N ARG C 211 -5.32 -16.53 26.49
CA ARG C 211 -4.42 -15.44 26.91
C ARG C 211 -3.88 -15.78 28.28
N GLU C 212 -2.58 -16.11 28.35
CA GLU C 212 -1.87 -16.30 29.61
C GLU C 212 -2.45 -17.47 30.41
N GLY C 213 -2.69 -18.59 29.72
CA GLY C 213 -3.29 -19.74 30.35
C GLY C 213 -4.79 -19.66 30.55
N GLN C 214 -5.35 -18.46 30.57
CA GLN C 214 -6.80 -18.31 30.59
C GLN C 214 -7.38 -18.70 29.24
N HIS C 215 -8.46 -19.47 29.26
CA HIS C 215 -9.13 -19.88 28.04
C HIS C 215 -10.58 -19.41 28.06
N ILE C 216 -11.07 -18.98 26.91
CA ILE C 216 -12.47 -18.62 26.74
C ILE C 216 -13.02 -19.39 25.54
N VAL C 217 -14.34 -19.56 25.52
CA VAL C 217 -15.08 -20.10 24.38
C VAL C 217 -16.03 -19.02 23.90
N PHE C 218 -16.25 -18.92 22.59
CA PHE C 218 -17.09 -17.84 22.08
C PHE C 218 -17.87 -18.27 20.85
N ALA C 219 -18.99 -17.57 20.63
CA ALA C 219 -19.77 -17.67 19.40
C ALA C 219 -20.37 -16.31 19.12
N ARG C 220 -20.17 -15.81 17.91
CA ARG C 220 -20.83 -14.60 17.44
C ARG C 220 -21.65 -14.91 16.20
N LEU C 221 -22.86 -14.35 16.14
CA LEU C 221 -23.76 -14.56 15.02
C LEU C 221 -24.46 -13.24 14.71
N ARG C 222 -24.31 -12.77 13.47
CA ARG C 222 -25.05 -11.62 12.96
C ARG C 222 -26.00 -12.10 11.88
N VAL C 223 -27.30 -11.86 12.08
CA VAL C 223 -28.31 -12.16 11.07
C VAL C 223 -28.89 -10.83 10.61
N ALA C 224 -28.75 -10.52 9.33
CA ALA C 224 -29.14 -9.23 8.77
C ALA C 224 -30.50 -9.33 8.10
N ASP C 225 -31.14 -8.16 7.96
CA ASP C 225 -32.40 -8.04 7.23
C ASP C 225 -32.24 -7.25 5.94
N LYS C 226 -31.03 -6.83 5.60
CA LYS C 226 -30.76 -6.15 4.35
C LYS C 226 -29.53 -6.79 3.69
N PRO C 227 -29.43 -6.71 2.36
CA PRO C 227 -28.28 -7.34 1.69
C PRO C 227 -26.96 -6.77 2.17
N SER C 228 -25.93 -7.62 2.15
CA SER C 228 -24.59 -7.25 2.57
C SER C 228 -23.66 -7.19 1.37
N SER C 229 -22.76 -6.21 1.37
CA SER C 229 -21.79 -6.07 0.28
C SER C 229 -20.65 -7.06 0.38
N GLU C 230 -20.47 -7.71 1.53
CA GLU C 230 -19.33 -8.57 1.78
C GLU C 230 -19.77 -9.77 2.59
N PRO C 231 -19.09 -10.91 2.45
CA PRO C 231 -19.47 -12.12 3.21
C PRO C 231 -19.44 -11.85 4.71
N LEU C 232 -20.53 -12.18 5.39
CA LEU C 232 -20.70 -11.72 6.77
C LEU C 232 -19.80 -12.48 7.74
N GLY C 233 -19.47 -13.74 7.44
CA GLY C 233 -18.64 -14.52 8.32
C GLY C 233 -17.29 -13.89 8.60
N PRO C 234 -16.49 -13.69 7.54
CA PRO C 234 -15.24 -12.93 7.72
C PRO C 234 -15.46 -11.53 8.29
N ALA C 235 -16.60 -10.90 8.01
CA ALA C 235 -16.85 -9.57 8.57
C ALA C 235 -17.05 -9.64 10.07
N VAL C 236 -17.89 -10.59 10.53
CA VAL C 236 -18.09 -10.82 11.95
C VAL C 236 -16.78 -11.23 12.63
N ARG C 237 -15.94 -11.99 11.92
N ARG C 237 -15.93 -11.98 11.92
CA ARG C 237 -14.66 -12.39 12.51
CA ARG C 237 -14.66 -12.40 12.51
C ARG C 237 -13.77 -11.18 12.77
C ARG C 237 -13.76 -11.20 12.76
N ASP C 238 -13.58 -10.35 11.75
CA ASP C 238 -12.72 -9.16 11.92
C ASP C 238 -13.22 -8.28 13.05
N ALA C 239 -14.54 -8.14 13.17
CA ALA C 239 -15.12 -7.34 14.26
C ALA C 239 -14.87 -8.00 15.61
N PHE C 240 -14.89 -9.33 15.66
CA PHE C 240 -14.68 -10.00 16.94
C PHE C 240 -13.22 -9.89 17.39
N LEU C 241 -12.27 -9.98 16.45
CA LEU C 241 -10.86 -9.84 16.82
C LEU C 241 -10.54 -8.43 17.29
N ARG C 242 -11.30 -7.43 16.85
CA ARG C 242 -11.14 -6.08 17.39
C ARG C 242 -11.72 -5.98 18.80
N ASP C 243 -12.82 -6.67 19.07
CA ASP C 243 -13.58 -6.49 20.31
C ASP C 243 -13.12 -7.40 21.45
N ILE C 244 -12.35 -8.45 21.17
CA ILE C 244 -12.18 -9.52 22.16
C ILE C 244 -11.41 -9.03 23.38
N ALA C 245 -10.41 -8.16 23.18
CA ALA C 245 -9.62 -7.70 24.31
C ALA C 245 -10.50 -7.02 25.36
N ARG C 246 -11.51 -6.28 24.92
CA ARG C 246 -12.40 -5.58 25.83
C ARG C 246 -13.56 -6.44 26.30
N LEU C 247 -14.03 -7.37 25.47
CA LEU C 247 -15.10 -8.28 25.90
C LEU C 247 -14.63 -9.19 27.02
N ALA C 248 -13.40 -9.70 26.92
CA ALA C 248 -12.87 -10.67 27.86
C ALA C 248 -12.07 -10.06 29.00
N VAL C 249 -12.43 -8.84 29.45
CA VAL C 249 -11.81 -8.28 30.66
C VAL C 249 -12.55 -8.71 31.91
N HIS C 250 -13.66 -9.41 31.79
CA HIS C 250 -14.52 -9.75 32.92
C HIS C 250 -14.24 -11.13 33.48
N ARG C 251 -13.24 -11.84 32.95
CA ARG C 251 -12.80 -13.12 33.49
C ARG C 251 -13.93 -14.14 33.64
N SER D 6 41.21 -15.92 16.82
CA SER D 6 40.70 -15.12 15.72
C SER D 6 39.31 -15.58 15.28
N GLN D 7 38.35 -15.46 16.20
CA GLN D 7 36.96 -15.80 15.90
C GLN D 7 36.24 -14.67 15.18
N ALA D 8 36.87 -14.03 14.20
CA ALA D 8 36.33 -12.88 13.51
C ALA D 8 35.69 -13.30 12.19
N PHE D 9 34.59 -12.64 11.84
CA PHE D 9 33.91 -12.96 10.59
C PHE D 9 32.93 -11.84 10.24
N GLU D 10 32.45 -11.88 9.01
CA GLU D 10 31.45 -10.94 8.52
C GLU D 10 30.44 -11.71 7.69
N CYS D 11 29.16 -11.38 7.88
N CYS D 11 29.15 -11.50 7.98
CA CYS D 11 28.07 -12.03 7.16
CA CYS D 11 28.08 -11.99 7.13
C CYS D 11 27.11 -10.97 6.64
C CYS D 11 27.31 -10.82 6.55
N THR D 12 26.79 -11.03 5.34
CA THR D 12 25.86 -10.12 4.71
C THR D 12 24.86 -10.99 3.96
N LEU D 13 23.58 -10.80 4.23
CA LEU D 13 22.54 -11.56 3.55
C LEU D 13 21.50 -10.57 3.06
N VAL D 14 21.16 -10.65 1.78
CA VAL D 14 20.12 -9.80 1.18
C VAL D 14 19.20 -10.71 0.39
N THR D 15 17.91 -10.65 0.68
CA THR D 15 16.94 -11.52 0.04
C THR D 15 15.83 -10.70 -0.59
N SER D 16 15.22 -11.24 -1.63
CA SER D 16 14.17 -10.54 -2.35
C SER D 16 12.81 -10.87 -1.76
N ILE D 17 12.06 -9.84 -1.37
CA ILE D 17 10.70 -10.07 -0.91
C ILE D 17 9.84 -10.64 -2.03
N GLU D 18 9.95 -10.07 -3.24
CA GLU D 18 9.06 -10.46 -4.32
C GLU D 18 9.32 -11.89 -4.79
N THR D 19 10.59 -12.30 -4.84
CA THR D 19 10.94 -13.63 -5.36
C THR D 19 11.31 -14.64 -4.29
N GLY D 20 11.67 -14.19 -3.09
CA GLY D 20 12.13 -15.07 -2.02
C GLY D 20 13.58 -15.52 -2.15
N ALA D 21 14.22 -15.28 -3.29
CA ALA D 21 15.54 -15.82 -3.55
C ALA D 21 16.62 -15.04 -2.81
N VAL D 22 17.77 -15.68 -2.65
CA VAL D 22 18.97 -14.96 -2.24
C VAL D 22 19.33 -13.97 -3.34
N ILE D 23 19.60 -12.73 -2.94
CA ILE D 23 20.18 -11.77 -3.88
C ILE D 23 21.69 -11.72 -3.74
N ASN D 24 22.19 -11.57 -2.52
CA ASN D 24 23.61 -11.62 -2.27
C ASN D 24 23.81 -12.16 -0.87
N GLN D 25 24.71 -13.13 -0.74
CA GLN D 25 25.06 -13.68 0.57
C GLN D 25 26.57 -13.82 0.65
N GLN D 26 27.18 -13.17 1.64
CA GLN D 26 28.61 -13.31 1.91
C GLN D 26 28.78 -13.92 3.29
N GLY D 27 29.52 -15.02 3.36
CA GLY D 27 29.67 -15.76 4.58
C GLY D 27 28.52 -16.73 4.83
N ALA D 28 28.69 -17.55 5.87
CA ALA D 28 27.75 -18.62 6.15
C ALA D 28 26.41 -18.10 6.67
N CYS D 29 26.43 -17.02 7.44
CA CYS D 29 25.26 -16.29 7.93
C CYS D 29 24.40 -17.10 8.88
N ASP D 30 24.95 -18.16 9.48
CA ASP D 30 24.17 -19.05 10.33
C ASP D 30 24.60 -19.04 11.78
N GLN D 31 25.71 -18.39 12.12
CA GLN D 31 26.14 -18.35 13.52
C GLN D 31 25.33 -17.32 14.30
N ARG D 32 24.92 -17.71 15.51
CA ARG D 32 24.07 -16.88 16.35
C ARG D 32 24.89 -16.03 17.30
N VAL D 33 24.47 -14.76 17.45
N VAL D 33 24.51 -14.75 17.44
CA VAL D 33 25.12 -13.78 18.33
CA VAL D 33 25.09 -13.87 18.44
C VAL D 33 24.02 -12.95 18.99
C VAL D 33 23.99 -13.05 19.06
N ALA D 34 24.31 -12.41 20.17
CA ALA D 34 23.35 -11.55 20.86
C ALA D 34 22.81 -10.48 19.91
N PRO D 35 21.49 -10.25 19.86
CA PRO D 35 20.95 -9.23 18.93
C PRO D 35 21.32 -7.82 19.32
N ALA D 36 21.63 -7.57 20.60
CA ALA D 36 21.86 -6.22 21.10
C ALA D 36 20.69 -5.32 20.72
N SER D 37 20.96 -4.08 20.27
CA SER D 37 19.86 -3.16 20.03
C SER D 37 18.99 -3.52 18.84
N THR D 38 19.36 -4.52 18.01
CA THR D 38 18.40 -4.95 17.01
C THR D 38 17.18 -5.60 17.65
N PHE D 39 17.29 -6.01 18.92
CA PHE D 39 16.16 -6.62 19.59
C PHE D 39 15.05 -5.59 19.85
N VAL D 41 13.46 -4.16 17.73
CA VAL D 41 12.40 -4.36 16.73
C VAL D 41 11.36 -5.38 17.24
N PRO D 42 11.75 -6.62 17.58
CA PRO D 42 10.74 -7.50 18.19
C PRO D 42 10.18 -6.97 19.50
N LEU D 43 10.98 -6.25 20.28
CA LEU D 43 10.49 -5.73 21.55
C LEU D 43 9.36 -4.72 21.32
N ALA D 44 9.52 -3.86 20.31
CA ALA D 44 8.45 -2.91 19.99
C ALA D 44 7.20 -3.63 19.56
N LEU D 45 7.38 -4.67 18.74
CA LEU D 45 6.25 -5.49 18.31
C LEU D 45 5.53 -6.09 19.51
N ILE D 46 6.30 -6.63 20.46
CA ILE D 46 5.73 -7.13 21.70
C ILE D 46 5.04 -6.01 22.46
N GLY D 47 5.72 -4.86 22.55
CA GLY D 47 5.14 -3.73 23.28
C GLY D 47 3.83 -3.24 22.68
N TYR D 48 3.76 -3.14 21.35
CA TYR D 48 2.51 -2.68 20.74
C TYR D 48 1.40 -3.73 20.87
N ASP D 49 1.72 -5.00 20.63
CA ASP D 49 0.69 -6.03 20.72
C ASP D 49 0.14 -6.11 22.13
N ALA D 50 1.03 -6.01 23.14
CA ALA D 50 0.61 -6.07 24.53
C ALA D 50 -0.25 -4.88 24.94
N GLY D 51 -0.16 -3.76 24.21
CA GLY D 51 -0.90 -2.57 24.56
C GLY D 51 -0.16 -1.59 25.45
N ILE D 52 1.10 -1.87 25.76
CA ILE D 52 1.92 -0.94 26.55
C ILE D 52 2.36 0.23 25.69
N LEU D 53 2.80 -0.03 24.46
CA LEU D 53 3.08 1.03 23.51
C LEU D 53 1.81 1.31 22.70
N LEU D 54 1.55 2.58 22.44
CA LEU D 54 0.29 3.01 21.84
C LEU D 54 0.42 3.45 20.39
N ASP D 55 1.34 4.37 20.09
CA ASP D 55 1.62 4.75 18.72
C ASP D 55 3.07 5.20 18.59
N ASP D 56 3.37 6.03 17.59
CA ASP D 56 4.76 6.44 17.39
C ASP D 56 5.24 7.45 18.42
N LYS D 57 4.33 8.15 19.10
CA LYS D 57 4.73 9.18 20.06
C LYS D 57 4.37 8.85 21.50
N THR D 58 3.72 7.71 21.75
CA THR D 58 3.11 7.42 23.03
C THR D 58 3.36 5.96 23.39
N PRO D 59 3.81 5.66 24.62
CA PRO D 59 4.03 6.58 25.74
C PRO D 59 5.39 7.28 25.73
N ALA D 60 5.43 8.50 26.24
CA ALA D 60 6.67 9.24 26.43
C ALA D 60 7.05 9.14 27.90
N TRP D 61 8.19 8.53 28.17
CA TRP D 61 8.71 8.31 29.52
C TRP D 61 9.93 9.18 29.73
N ASP D 62 10.12 9.61 30.97
CA ASP D 62 11.21 10.50 31.32
C ASP D 62 12.29 9.74 32.08
N TRP D 63 13.54 9.90 31.67
CA TRP D 63 14.65 9.39 32.47
C TRP D 63 14.65 10.07 33.83
N LYS D 64 14.80 9.27 34.88
CA LYS D 64 14.90 9.76 36.25
C LYS D 64 16.18 9.24 36.89
N PRO D 65 16.73 9.98 37.86
CA PRO D 65 18.01 9.57 38.46
C PRO D 65 17.90 8.22 39.13
N GLY D 66 19.01 7.49 39.14
CA GLY D 66 19.06 6.13 39.63
C GLY D 66 18.92 5.07 38.56
N THR D 67 18.43 5.44 37.37
CA THR D 67 18.26 4.50 36.27
C THR D 67 19.53 4.47 35.43
N GLU D 68 20.06 3.28 35.20
CA GLU D 68 21.25 3.13 34.36
C GLU D 68 21.00 3.67 32.96
N ALA D 69 21.86 4.56 32.51
CA ALA D 69 21.75 5.15 31.18
C ALA D 69 23.02 5.92 30.85
N ARG D 70 23.45 5.83 29.59
CA ARG D 70 24.50 6.72 29.14
C ARG D 70 24.00 8.15 29.10
N ALA D 71 24.94 9.10 29.04
CA ALA D 71 24.61 10.51 29.24
C ALA D 71 23.62 11.02 28.20
N GLN D 72 23.79 10.63 26.94
CA GLN D 72 22.90 11.13 25.90
C GLN D 72 21.52 10.49 25.93
N ASP D 73 21.31 9.49 26.78
CA ASP D 73 20.02 8.85 26.92
C ASP D 73 19.17 9.47 28.02
N ARG D 74 19.71 10.44 28.77
CA ARG D 74 19.03 10.97 29.95
C ARG D 74 18.15 12.14 29.53
N LYS D 75 17.00 11.80 28.96
CA LYS D 75 16.07 12.75 28.39
C LYS D 75 14.70 12.09 28.34
N THR D 76 13.71 12.83 27.85
CA THR D 76 12.42 12.22 27.54
C THR D 76 12.55 11.36 26.29
N VAL D 77 11.89 10.20 26.31
CA VAL D 77 11.99 9.22 25.23
C VAL D 77 10.60 8.69 24.90
N ASP D 78 10.28 8.62 23.60
CA ASP D 78 9.03 8.01 23.15
C ASP D 78 9.39 6.85 22.21
N PRO D 79 8.44 6.12 21.62
CA PRO D 79 8.84 4.96 20.79
C PRO D 79 9.73 5.32 19.61
N THR D 80 9.51 6.47 18.98
CA THR D 80 10.34 6.86 17.84
C THR D 80 11.77 7.14 18.27
N ILE D 81 11.94 7.92 19.35
CA ILE D 81 13.28 8.24 19.84
C ILE D 81 13.96 6.98 20.34
N TRP D 82 13.20 6.13 21.02
CA TRP D 82 13.71 4.85 21.53
C TRP D 82 14.45 4.08 20.43
N GLU D 83 13.83 3.95 19.25
CA GLU D 83 14.45 3.18 18.18
C GLU D 83 15.58 3.96 17.50
N GLN D 84 15.39 5.26 17.25
CA GLN D 84 16.39 6.03 16.52
C GLN D 84 17.67 6.18 17.34
N ASP D 85 17.53 6.40 18.65
CA ASP D 85 18.69 6.63 19.50
C ASP D 85 19.10 5.39 20.29
N SER D 86 18.43 4.26 20.11
CA SER D 86 18.75 3.01 20.80
C SER D 86 18.86 3.23 22.31
N VAL D 87 17.75 3.62 22.92
CA VAL D 87 17.71 3.95 24.34
C VAL D 87 17.43 2.68 25.14
N LEU D 88 18.48 2.14 25.77
CA LEU D 88 18.36 0.87 26.48
C LEU D 88 17.41 0.95 27.69
N TRP D 89 17.45 2.04 28.45
CA TRP D 89 16.60 2.08 29.65
C TRP D 89 15.12 2.02 29.28
N TYR D 90 14.75 2.52 28.10
CA TYR D 90 13.36 2.43 27.66
C TYR D 90 12.97 0.99 27.39
N SER D 91 13.87 0.22 26.77
CA SER D 91 13.63 -1.22 26.62
C SER D 91 13.37 -1.89 27.96
N ARG D 92 14.15 -1.54 28.97
CA ARG D 92 14.04 -2.19 30.27
C ARG D 92 12.78 -1.76 31.03
N GLU D 93 12.32 -0.53 30.84
CA GLU D 93 11.04 -0.16 31.43
C GLU D 93 9.89 -0.89 30.73
N LEU D 94 10.05 -1.16 29.43
CA LEU D 94 9.03 -1.94 28.72
C LEU D 94 8.98 -3.38 29.21
N THR D 95 10.14 -4.03 29.38
CA THR D 95 10.09 -5.42 29.84
C THR D 95 9.68 -5.51 31.30
N ARG D 96 10.03 -4.50 32.11
CA ARG D 96 9.51 -4.45 33.47
C ARG D 96 7.99 -4.45 33.48
N ARG D 97 7.38 -3.69 32.57
CA ARG D 97 5.92 -3.63 32.53
C ARG D 97 5.30 -4.86 31.90
N LEU D 98 5.99 -5.48 30.94
CA LEU D 98 5.53 -6.76 30.41
C LEU D 98 5.56 -7.84 31.48
N GLY D 99 6.65 -7.93 32.22
CA GLY D 99 6.83 -9.00 33.18
C GLY D 99 7.42 -10.22 32.52
N PRO D 100 8.02 -11.11 33.32
CA PRO D 100 8.77 -12.22 32.72
C PRO D 100 7.88 -13.29 32.08
N GLU D 101 6.67 -13.49 32.59
CA GLU D 101 5.80 -14.50 31.99
C GLU D 101 5.46 -14.12 30.55
N LYS D 102 4.92 -12.92 30.36
CA LYS D 102 4.51 -12.50 29.02
C LYS D 102 5.71 -12.34 28.10
N PHE D 103 6.81 -11.79 28.60
CA PHE D 103 8.02 -11.59 27.79
C PHE D 103 8.53 -12.91 27.24
N ALA D 104 8.64 -13.94 28.09
CA ALA D 104 9.10 -15.23 27.63
C ALA D 104 8.12 -15.87 26.66
N ALA D 105 6.81 -15.75 26.91
CA ALA D 105 5.82 -16.33 26.01
C ALA D 105 5.87 -15.68 24.63
N TYR D 106 5.91 -14.34 24.59
CA TYR D 106 6.01 -13.61 23.33
C TYR D 106 7.25 -14.04 22.55
N VAL D 107 8.40 -14.09 23.20
CA VAL D 107 9.64 -14.40 22.49
C VAL D 107 9.59 -15.82 21.95
N LYS D 108 9.04 -16.76 22.72
CA LYS D 108 8.88 -18.12 22.24
C LYS D 108 7.89 -18.19 21.08
N ARG D 109 6.77 -17.48 21.21
CA ARG D 109 5.74 -17.54 20.16
C ARG D 109 6.29 -17.04 18.84
N LEU D 110 7.06 -15.95 18.89
CA LEU D 110 7.69 -15.42 17.68
C LEU D 110 8.76 -16.36 17.13
N GLY D 111 9.25 -17.30 17.94
CA GLY D 111 10.37 -18.13 17.52
C GLY D 111 11.60 -17.32 17.14
N TYR D 112 11.94 -16.33 17.93
CA TYR D 112 13.01 -15.38 17.60
C TYR D 112 14.33 -15.96 18.10
N GLY D 113 15.21 -16.34 17.17
CA GLY D 113 16.52 -16.86 17.56
C GLY D 113 16.40 -18.12 18.39
N ASN D 114 17.26 -18.22 19.41
CA ASN D 114 17.14 -19.33 20.34
C ASN D 114 16.00 -19.15 21.34
N ALA D 115 15.32 -18.01 21.30
CA ALA D 115 14.10 -17.75 22.08
C ALA D 115 14.31 -17.89 23.59
N ASP D 116 15.50 -17.55 24.08
CA ASP D 116 15.85 -17.77 25.49
C ASP D 116 16.08 -16.42 26.15
N VAL D 117 15.14 -15.98 26.99
CA VAL D 117 15.31 -14.72 27.71
C VAL D 117 15.37 -14.98 29.20
N SER D 118 15.81 -16.19 29.58
CA SER D 118 15.92 -16.53 30.99
C SER D 118 17.10 -15.87 31.67
N GLY D 119 18.06 -15.36 30.91
CA GLY D 119 19.23 -14.75 31.50
C GLY D 119 20.26 -15.77 31.95
N GLU D 120 21.18 -15.31 32.82
CA GLU D 120 22.28 -16.12 33.33
C GLU D 120 21.94 -16.75 34.68
N PRO D 121 22.56 -17.89 34.99
CA PRO D 121 22.35 -18.50 36.32
C PRO D 121 22.82 -17.60 37.45
N GLY D 122 21.98 -17.50 38.48
CA GLY D 122 22.32 -16.76 39.69
C GLY D 122 22.22 -15.26 39.60
N LYS D 123 21.75 -14.70 38.49
CA LYS D 123 21.74 -13.26 38.30
C LYS D 123 20.36 -12.65 38.12
N ASN D 124 19.36 -13.43 37.71
CA ASN D 124 18.02 -12.92 37.41
C ASN D 124 18.09 -11.72 36.48
N ASN D 125 18.83 -11.86 35.39
CA ASN D 125 19.05 -10.74 34.47
C ASN D 125 18.40 -10.97 33.10
N GLY D 126 17.33 -11.76 33.05
CA GLY D 126 16.68 -12.01 31.77
C GLY D 126 15.85 -10.85 31.26
N LEU D 127 15.21 -10.11 32.16
CA LEU D 127 14.41 -8.96 31.74
C LEU D 127 15.27 -7.76 31.37
N THR D 128 16.52 -7.74 31.81
CA THR D 128 17.37 -6.57 31.64
C THR D 128 18.57 -6.79 30.74
N HIS D 129 19.05 -8.03 30.60
CA HIS D 129 20.29 -8.26 29.88
C HIS D 129 20.25 -9.41 28.86
N SER D 130 19.09 -10.05 28.67
CA SER D 130 19.08 -11.25 27.83
C SER D 130 19.50 -10.93 26.39
N TRP D 131 19.00 -9.82 25.83
CA TRP D 131 19.36 -9.49 24.45
C TRP D 131 20.73 -8.86 24.30
N LEU D 132 21.45 -8.62 25.40
CA LEU D 132 22.75 -8.00 25.32
C LEU D 132 23.89 -9.00 25.47
N GLY D 133 23.60 -10.25 25.80
CA GLY D 133 24.63 -11.26 25.96
C GLY D 133 24.29 -12.29 27.03
N ALA D 134 23.21 -12.07 27.79
CA ALA D 134 22.93 -12.95 28.93
C ALA D 134 22.28 -14.28 28.53
N SER D 135 21.61 -14.36 27.38
CA SER D 135 21.06 -15.65 26.96
C SER D 135 20.51 -15.67 25.54
N LEU D 136 19.92 -14.56 25.07
CA LEU D 136 19.23 -14.57 23.78
C LEU D 136 20.22 -14.38 22.65
N THR D 137 20.16 -15.24 21.63
CA THR D 137 20.99 -15.10 20.44
C THR D 137 20.13 -15.28 19.19
N VAL D 138 20.66 -14.79 18.07
CA VAL D 138 19.97 -14.87 16.78
C VAL D 138 21.01 -14.82 15.67
N SER D 139 20.73 -15.51 14.57
CA SER D 139 21.65 -15.50 13.44
C SER D 139 21.19 -14.54 12.36
N PRO D 140 22.08 -14.14 11.43
CA PRO D 140 21.64 -13.28 10.32
C PRO D 140 20.52 -13.89 9.50
N VAL D 141 20.54 -15.19 9.22
CA VAL D 141 19.44 -15.78 8.45
C VAL D 141 18.14 -15.72 9.26
N GLU D 142 18.21 -15.86 10.58
CA GLU D 142 17.01 -15.75 11.41
C GLU D 142 16.49 -14.30 11.49
N GLN D 143 17.40 -13.32 11.47
CA GLN D 143 16.96 -11.91 11.42
C GLN D 143 16.21 -11.61 10.13
N VAL D 144 16.71 -12.11 9.01
CA VAL D 144 16.02 -11.93 7.73
C VAL D 144 14.63 -12.57 7.77
N GLY D 145 14.52 -13.78 8.35
CA GLY D 145 13.23 -14.43 8.39
C GLY D 145 12.21 -13.66 9.22
N PHE D 146 12.63 -13.18 10.38
CA PHE D 146 11.76 -12.36 11.21
C PHE D 146 11.33 -11.09 10.49
N ILE D 147 12.27 -10.40 9.84
CA ILE D 147 11.92 -9.15 9.16
C ILE D 147 11.03 -9.42 7.95
N ARG D 148 11.29 -10.51 7.23
CA ARG D 148 10.43 -10.85 6.11
C ARG D 148 8.98 -11.01 6.57
N ARG D 149 8.76 -11.79 7.64
CA ARG D 149 7.41 -12.00 8.15
CA ARG D 149 7.41 -12.00 8.13
C ARG D 149 6.80 -10.71 8.66
N LEU D 150 7.59 -9.88 9.35
CA LEU D 150 7.08 -8.59 9.83
C LEU D 150 6.60 -7.73 8.66
N LEU D 151 7.38 -7.70 7.58
CA LEU D 151 6.99 -6.92 6.40
C LEU D 151 5.65 -7.40 5.84
N ALA D 152 5.40 -8.71 5.90
CA ALA D 152 4.20 -9.28 5.33
C ALA D 152 3.03 -9.31 6.30
N GLY D 153 3.21 -8.88 7.55
CA GLY D 153 2.14 -9.03 8.51
C GLY D 153 1.86 -10.47 8.90
N ASN D 154 2.84 -11.35 8.73
CA ASN D 154 2.65 -12.77 8.98
C ASN D 154 3.22 -13.23 10.31
N LEU D 155 3.69 -12.30 11.16
CA LEU D 155 4.10 -12.70 12.50
C LEU D 155 2.89 -13.09 13.34
N PRO D 156 3.05 -14.03 14.29
CA PRO D 156 1.91 -14.46 15.12
C PRO D 156 1.53 -13.43 16.19
N VAL D 157 1.34 -12.17 15.79
CA VAL D 157 0.77 -11.13 16.63
C VAL D 157 -0.22 -10.32 15.79
N SER D 158 -0.86 -9.35 16.42
CA SER D 158 -1.88 -8.56 15.75
C SER D 158 -1.29 -7.81 14.56
N ARG D 159 -2.12 -7.64 13.53
CA ARG D 159 -1.69 -6.93 12.33
C ARG D 159 -1.33 -5.48 12.66
N ASP D 160 -2.13 -4.84 13.51
CA ASP D 160 -1.86 -3.45 13.89
C ASP D 160 -0.50 -3.30 14.55
N ALA D 161 -0.13 -4.24 15.43
CA ALA D 161 1.17 -4.13 16.10
C ALA D 161 2.31 -4.23 15.09
N GLN D 162 2.16 -5.04 14.05
CA GLN D 162 3.21 -5.13 13.05
C GLN D 162 3.33 -3.84 12.23
N ALA D 163 2.20 -3.23 11.86
CA ALA D 163 2.28 -1.95 11.16
C ALA D 163 2.89 -0.87 12.05
N LYS D 164 2.54 -0.86 13.34
CA LYS D 164 3.07 0.15 14.23
C LYS D 164 4.57 -0.02 14.42
N THR D 165 5.05 -1.27 14.51
CA THR D 165 6.47 -1.53 14.62
C THR D 165 7.21 -1.07 13.38
N ARG D 166 6.67 -1.37 12.18
CA ARG D 166 7.34 -0.97 10.97
C ARG D 166 7.44 0.55 10.88
N ALA D 167 6.49 1.27 11.50
CA ALA D 167 6.48 2.72 11.39
C ALA D 167 7.58 3.39 12.21
N ILE D 168 8.16 2.70 13.20
CA ILE D 168 9.17 3.35 14.03
C ILE D 168 10.58 2.79 13.77
N VAL D 169 10.75 1.93 12.79
CA VAL D 169 12.12 1.53 12.42
C VAL D 169 12.80 2.71 11.70
N PRO D 170 14.01 3.10 12.09
CA PRO D 170 14.65 4.28 11.48
C PRO D 170 14.82 4.13 9.97
N VAL D 171 14.78 5.26 9.28
CA VAL D 171 14.87 5.30 7.82
C VAL D 171 16.15 6.02 7.41
N PHE D 172 16.84 5.44 6.42
CA PHE D 172 18.06 5.98 5.86
C PHE D 172 17.93 5.98 4.35
N TYR D 173 18.69 6.85 3.69
CA TYR D 173 18.63 6.95 2.25
C TYR D 173 19.99 6.65 1.66
N ALA D 174 20.03 5.72 0.73
CA ALA D 174 21.23 5.17 0.13
C ALA D 174 21.22 5.48 -1.36
N PRO D 175 22.37 5.40 -2.02
CA PRO D 175 22.43 5.80 -3.43
C PRO D 175 21.45 5.01 -4.29
N GLU D 176 21.09 5.63 -5.42
CA GLU D 176 20.16 5.07 -6.41
C GLU D 176 18.75 4.90 -5.85
N SER D 177 18.35 5.79 -4.94
CA SER D 177 16.99 5.92 -4.44
C SER D 177 16.56 4.77 -3.52
N TRP D 178 17.50 4.03 -2.94
CA TRP D 178 17.13 3.04 -1.94
C TRP D 178 16.69 3.73 -0.66
N SER D 179 15.44 3.49 -0.26
CA SER D 179 14.97 3.85 1.06
C SER D 179 15.19 2.65 1.98
N VAL D 180 16.02 2.84 3.01
CA VAL D 180 16.49 1.75 3.86
C VAL D 180 15.88 1.90 5.24
N HIS D 181 15.20 0.84 5.71
CA HIS D 181 14.59 0.83 7.03
C HIS D 181 15.36 -0.18 7.87
N GLY D 182 16.18 0.30 8.80
CA GLY D 182 17.01 -0.63 9.55
C GLY D 182 17.33 -0.22 10.97
N LYS D 183 17.77 -1.22 11.74
CA LYS D 183 18.09 -1.06 13.15
C LYS D 183 19.50 -1.61 13.40
N THR D 184 20.32 -0.81 14.07
CA THR D 184 21.66 -1.21 14.41
C THR D 184 21.71 -1.93 15.76
N GLY D 185 22.77 -2.72 15.94
CA GLY D 185 23.11 -3.28 17.24
C GLY D 185 24.61 -3.34 17.47
N THR D 186 25.06 -3.04 18.68
CA THR D 186 26.47 -3.09 19.04
C THR D 186 26.62 -3.86 20.35
N GLY D 187 27.64 -4.71 20.42
CA GLY D 187 27.89 -5.43 21.64
C GLY D 187 29.29 -6.00 21.70
N PHE D 188 29.51 -6.89 22.67
CA PHE D 188 30.75 -7.62 22.82
C PHE D 188 30.46 -9.11 22.94
N ARG D 190 31.36 -12.80 24.43
CA ARG D 190 31.71 -13.17 25.79
C ARG D 190 32.89 -14.13 25.81
N ASP D 191 33.66 -14.08 26.90
CA ASP D 191 34.83 -14.95 27.07
C ASP D 191 34.44 -16.28 27.72
N GLU D 192 35.35 -16.85 28.50
CA GLU D 192 35.11 -18.15 29.11
C GLU D 192 34.31 -18.04 30.40
N LYS D 193 34.53 -16.98 31.17
CA LYS D 193 33.85 -16.78 32.45
C LYS D 193 32.54 -16.01 32.32
N GLY D 194 32.08 -15.74 31.10
CA GLY D 194 30.82 -15.06 30.91
C GLY D 194 30.88 -13.55 30.96
N ASN D 195 32.08 -12.96 30.86
CA ASN D 195 32.21 -11.50 30.89
C ASN D 195 32.39 -10.95 29.48
N PRO D 196 32.01 -9.69 29.25
CA PRO D 196 32.25 -9.10 27.93
C PRO D 196 33.73 -9.04 27.60
N ASP D 197 34.04 -9.41 26.35
CA ASP D 197 35.40 -9.43 25.84
C ASP D 197 35.57 -8.18 24.98
N ARG D 198 36.21 -7.14 25.52
CA ARG D 198 36.25 -5.85 24.84
C ARG D 198 37.07 -5.88 23.55
N SER D 199 37.87 -6.92 23.32
CA SER D 199 38.58 -7.07 22.07
C SER D 199 37.79 -7.87 21.03
N ARG D 200 36.53 -8.19 21.32
CA ARG D 200 35.65 -8.88 20.37
C ARG D 200 34.31 -8.15 20.29
N PRO D 201 34.30 -6.91 19.80
CA PRO D 201 33.02 -6.23 19.55
C PRO D 201 32.35 -6.84 18.33
N PHE D 202 31.03 -6.70 18.27
CA PHE D 202 30.28 -7.03 17.07
C PHE D 202 29.31 -5.91 16.77
N GLY D 203 28.94 -5.81 15.50
CA GLY D 203 27.99 -4.81 15.05
C GLY D 203 26.98 -5.43 14.10
N TRP D 204 25.72 -5.00 14.22
CA TRP D 204 24.59 -5.47 13.43
C TRP D 204 23.98 -4.29 12.68
N PHE D 205 23.43 -4.57 11.49
CA PHE D 205 22.45 -3.67 10.87
C PHE D 205 21.47 -4.53 10.09
N VAL D 206 20.20 -4.48 10.46
CA VAL D 206 19.20 -5.36 9.88
C VAL D 206 18.00 -4.52 9.50
N GLY D 207 17.31 -4.93 8.45
CA GLY D 207 16.10 -4.22 8.07
C GLY D 207 15.60 -4.66 6.71
N TRP D 208 14.87 -3.75 6.07
CA TRP D 208 14.42 -3.96 4.71
C TRP D 208 14.67 -2.69 3.92
N ALA D 209 14.59 -2.79 2.59
CA ALA D 209 14.76 -1.60 1.76
C ALA D 209 13.85 -1.70 0.57
N GLU D 210 13.56 -0.54 -0.01
CA GLU D 210 12.61 -0.40 -1.11
C GLU D 210 13.20 0.50 -2.18
N ARG D 211 12.98 0.12 -3.44
CA ARG D 211 13.38 0.95 -4.58
C ARG D 211 12.49 0.63 -5.76
N GLU D 212 11.72 1.61 -6.22
CA GLU D 212 10.88 1.48 -7.42
C GLU D 212 9.93 0.29 -7.31
N GLY D 213 9.33 0.12 -6.13
CA GLY D 213 8.36 -0.92 -5.91
C GLY D 213 8.94 -2.25 -5.45
N GLN D 214 10.22 -2.50 -5.67
CA GLN D 214 10.87 -3.73 -5.24
C GLN D 214 11.36 -3.59 -3.81
N HIS D 215 11.15 -4.65 -3.02
CA HIS D 215 11.56 -4.68 -1.62
C HIS D 215 12.59 -5.77 -1.41
N ILE D 216 13.59 -5.49 -0.57
CA ILE D 216 14.58 -6.47 -0.15
C ILE D 216 14.62 -6.48 1.37
N VAL D 217 15.14 -7.58 1.92
CA VAL D 217 15.35 -7.70 3.37
C VAL D 217 16.79 -8.12 3.58
N PHE D 218 17.42 -7.59 4.64
CA PHE D 218 18.85 -7.80 4.79
C PHE D 218 19.25 -7.94 6.25
N ALA D 219 20.44 -8.48 6.46
CA ALA D 219 21.10 -8.50 7.75
C ALA D 219 22.59 -8.53 7.48
N ARG D 220 23.32 -7.69 8.20
CA ARG D 220 24.78 -7.71 8.15
C ARG D 220 25.27 -7.78 9.57
N LEU D 221 26.22 -8.68 9.81
CA LEU D 221 26.81 -8.86 11.12
C LEU D 221 28.33 -8.91 10.93
N ARG D 222 29.04 -8.05 11.68
CA ARG D 222 30.49 -8.06 11.74
C ARG D 222 30.92 -8.40 13.16
N VAL D 223 31.74 -9.42 13.31
CA VAL D 223 32.33 -9.79 14.59
C VAL D 223 33.83 -9.61 14.47
N ALA D 224 34.39 -8.70 15.24
CA ALA D 224 35.80 -8.35 15.15
C ALA D 224 36.61 -9.14 16.17
N ASP D 225 37.92 -9.20 15.95
CA ASP D 225 38.86 -9.77 16.91
C ASP D 225 39.87 -8.74 17.41
N LYS D 226 39.62 -7.46 17.19
CA LYS D 226 40.36 -6.35 17.75
C LYS D 226 39.38 -5.35 18.33
N PRO D 227 39.78 -4.61 19.37
CA PRO D 227 38.92 -3.53 19.87
C PRO D 227 38.70 -2.46 18.82
N SER D 228 37.53 -1.82 18.88
CA SER D 228 37.15 -0.79 17.93
C SER D 228 37.06 0.56 18.63
N SER D 229 37.46 1.62 17.93
CA SER D 229 37.40 2.96 18.51
C SER D 229 36.03 3.60 18.35
N GLU D 230 35.22 3.13 17.41
CA GLU D 230 33.87 3.60 17.16
C GLU D 230 32.87 2.46 17.29
N PRO D 231 31.61 2.75 17.64
CA PRO D 231 30.62 1.67 17.77
C PRO D 231 30.40 0.94 16.45
N LEU D 232 30.40 -0.39 16.51
CA LEU D 232 30.45 -1.17 15.27
C LEU D 232 29.13 -1.15 14.53
N GLY D 233 28.01 -1.15 15.25
CA GLY D 233 26.70 -1.12 14.63
C GLY D 233 26.52 0.03 13.66
N PRO D 234 26.74 1.25 14.14
CA PRO D 234 26.73 2.40 13.22
C PRO D 234 27.76 2.28 12.10
N ALA D 235 28.91 1.68 12.37
CA ALA D 235 29.91 1.52 11.31
C ALA D 235 29.43 0.51 10.27
N VAL D 236 28.82 -0.59 10.72
CA VAL D 236 28.27 -1.57 9.81
C VAL D 236 27.15 -0.97 8.98
N ARG D 237 26.31 -0.14 9.60
CA ARG D 237 25.22 0.50 8.87
CA ARG D 237 25.22 0.50 8.87
C ARG D 237 25.75 1.41 7.78
N ASP D 238 26.78 2.21 8.08
CA ASP D 238 27.30 3.14 7.09
C ASP D 238 27.90 2.40 5.89
N ALA D 239 28.63 1.32 6.15
CA ALA D 239 29.21 0.56 5.05
C ALA D 239 28.12 -0.08 4.19
N PHE D 240 27.09 -0.63 4.82
CA PHE D 240 25.98 -1.23 4.07
C PHE D 240 25.28 -0.20 3.21
N LEU D 241 25.07 1.02 3.73
CA LEU D 241 24.42 2.05 2.92
C LEU D 241 25.26 2.41 1.70
N ARG D 242 26.59 2.39 1.82
CA ARG D 242 27.45 2.59 0.65
CA ARG D 242 27.44 2.60 0.66
C ARG D 242 27.46 1.38 -0.27
N ASP D 243 27.08 0.20 0.22
CA ASP D 243 27.21 -1.02 -0.59
C ASP D 243 25.89 -1.52 -1.18
N ILE D 244 24.74 -1.04 -0.70
CA ILE D 244 23.49 -1.72 -1.04
C ILE D 244 23.14 -1.59 -2.52
N ALA D 245 23.51 -0.47 -3.16
CA ALA D 245 23.13 -0.28 -4.56
C ALA D 245 23.75 -1.35 -5.45
N ARG D 246 25.03 -1.67 -5.22
CA ARG D 246 25.66 -2.72 -6.02
C ARG D 246 25.33 -4.11 -5.50
N LEU D 247 25.06 -4.26 -4.20
CA LEU D 247 24.69 -5.56 -3.67
C LEU D 247 23.35 -6.02 -4.22
N ALA D 248 22.37 -5.12 -4.28
CA ALA D 248 21.01 -5.48 -4.65
C ALA D 248 20.83 -5.68 -6.16
N VAL D 249 21.84 -5.40 -6.97
CA VAL D 249 21.72 -5.67 -8.41
C VAL D 249 22.65 -6.80 -8.80
#